data_6G67
# 
_entry.id   6G67 
# 
_audit_conform.dict_name       mmcif_pdbx.dic 
_audit_conform.dict_version    5.397 
_audit_conform.dict_location   http://mmcif.pdb.org/dictionaries/ascii/mmcif_pdbx.dic 
# 
loop_
_database_2.database_id 
_database_2.database_code 
_database_2.pdbx_database_accession 
_database_2.pdbx_DOI 
PDB   6G67         pdb_00006g67 10.2210/pdb6g67/pdb 
WWPDB D_1200009470 ?            ?                   
# 
loop_
_pdbx_audit_revision_history.ordinal 
_pdbx_audit_revision_history.data_content_type 
_pdbx_audit_revision_history.major_revision 
_pdbx_audit_revision_history.minor_revision 
_pdbx_audit_revision_history.revision_date 
1 'Structure model' 1 0 2018-10-17 
2 'Structure model' 1 1 2024-10-23 
# 
_pdbx_audit_revision_details.ordinal             1 
_pdbx_audit_revision_details.revision_ordinal    1 
_pdbx_audit_revision_details.data_content_type   'Structure model' 
_pdbx_audit_revision_details.provider            repository 
_pdbx_audit_revision_details.type                'Initial release' 
_pdbx_audit_revision_details.description         ? 
_pdbx_audit_revision_details.details             ? 
# 
loop_
_pdbx_audit_revision_group.ordinal 
_pdbx_audit_revision_group.revision_ordinal 
_pdbx_audit_revision_group.data_content_type 
_pdbx_audit_revision_group.group 
1 2 'Structure model' Advisory              
2 2 'Structure model' 'Data collection'     
3 2 'Structure model' 'Database references' 
4 2 'Structure model' 'Structure summary'   
# 
loop_
_pdbx_audit_revision_category.ordinal 
_pdbx_audit_revision_category.revision_ordinal 
_pdbx_audit_revision_category.data_content_type 
_pdbx_audit_revision_category.category 
1 2 'Structure model' chem_comp_atom               
2 2 'Structure model' chem_comp_bond               
3 2 'Structure model' database_2                   
4 2 'Structure model' pdbx_entry_details           
5 2 'Structure model' pdbx_modification_feature    
6 2 'Structure model' pdbx_unobs_or_zero_occ_atoms 
# 
loop_
_pdbx_audit_revision_item.ordinal 
_pdbx_audit_revision_item.revision_ordinal 
_pdbx_audit_revision_item.data_content_type 
_pdbx_audit_revision_item.item 
1 2 'Structure model' '_database_2.pdbx_DOI'                
2 2 'Structure model' '_database_2.pdbx_database_accession' 
# 
_pdbx_database_status.status_code                     REL 
_pdbx_database_status.status_code_sf                  REL 
_pdbx_database_status.status_code_mr                  ? 
_pdbx_database_status.entry_id                        6G67 
_pdbx_database_status.recvd_initial_deposition_date   2018-04-01 
_pdbx_database_status.SG_entry                        N 
_pdbx_database_status.deposit_site                    PDBE 
_pdbx_database_status.process_site                    PDBE 
_pdbx_database_status.status_code_cs                  ? 
_pdbx_database_status.methods_development_category    ? 
_pdbx_database_status.pdb_format_compatible           Y 
_pdbx_database_status.status_code_nmr_data            ? 
# 
loop_
_audit_author.name 
_audit_author.pdbx_ordinal 
_audit_author.identifier_ORCID 
'Rhys, G.G.'     1 0000-0002-0247-9495 
'Brady, R.L.'    2 ?                   
'Woolfson, D.N.' 3 ?                   
# 
_citation.abstract                  ? 
_citation.abstract_id_CAS           ? 
_citation.book_id_ISBN              ? 
_citation.book_publisher            ? 
_citation.book_publisher_city       ? 
_citation.book_title                ? 
_citation.coordinate_linkage        ? 
_citation.country                   UK 
_citation.database_id_Medline       ? 
_citation.details                   ? 
_citation.id                        primary 
_citation.journal_abbrev            'Nat Commun' 
_citation.journal_id_ASTM           ? 
_citation.journal_id_CSD            ? 
_citation.journal_id_ISSN           2041-1723 
_citation.journal_full              ? 
_citation.journal_issue             ? 
_citation.journal_volume            9 
_citation.language                  ? 
_citation.page_first                4132 
_citation.page_last                 4132 
_citation.title                     'Maintaining and breaking symmetry in homomeric coiled-coil assemblies.' 
_citation.year                      2018 
_citation.database_id_CSD           ? 
_citation.pdbx_database_id_DOI      10.1038/s41467-018-06391-y 
_citation.pdbx_database_id_PubMed   30297707 
_citation.unpublished_flag          ? 
# 
loop_
_citation_author.citation_id 
_citation_author.name 
_citation_author.ordinal 
_citation_author.identifier_ORCID 
primary 'Rhys, G.G.'       1 0000-0002-0247-9495 
primary 'Wood, C.W.'       2 0000-0003-1243-3105 
primary 'Lang, E.J.M.'     3 0000-0002-3808-054X 
primary 'Mulholland, A.J.' 4 ?                   
primary 'Brady, R.L.'      5 0000-0002-3575-5513 
primary 'Thomson, A.R.'    6 0000-0002-1066-1369 
primary 'Woolfson, D.N.'   7 0000-0002-0394-3202 
# 
loop_
_entity.id 
_entity.type 
_entity.src_method 
_entity.pdbx_description 
_entity.formula_weight 
_entity.pdbx_number_of_molecules 
_entity.pdbx_ec 
_entity.pdbx_mutation 
_entity.pdbx_fragment 
_entity.details 
1 polymer     syn CC-Type2-II 3234.871 2  ? ? ? ? 
2 non-polymer syn GLYCEROL    92.094   1  ? ? ? ? 
3 water       nat water       18.015   69 ? ? ? ? 
# 
_entity_poly.entity_id                      1 
_entity_poly.type                           'polypeptide(L)' 
_entity_poly.nstd_linkage                   no 
_entity_poly.nstd_monomer                   yes 
_entity_poly.pdbx_seq_one_letter_code       '(ACE)GEIAQAIKEIAKAIKEIAWAIKEIAQAIKG(NH2)' 
_entity_poly.pdbx_seq_one_letter_code_can   XGEIAQAIKEIAKAIKEIAWAIKEIAQAIKGX 
_entity_poly.pdbx_strand_id                 A,B 
_entity_poly.pdbx_target_identifier         ? 
# 
loop_
_pdbx_entity_nonpoly.entity_id 
_pdbx_entity_nonpoly.name 
_pdbx_entity_nonpoly.comp_id 
2 GLYCEROL GOL 
3 water    HOH 
# 
loop_
_entity_poly_seq.entity_id 
_entity_poly_seq.num 
_entity_poly_seq.mon_id 
_entity_poly_seq.hetero 
1 1  ACE n 
1 2  GLY n 
1 3  GLU n 
1 4  ILE n 
1 5  ALA n 
1 6  GLN n 
1 7  ALA n 
1 8  ILE n 
1 9  LYS n 
1 10 GLU n 
1 11 ILE n 
1 12 ALA n 
1 13 LYS n 
1 14 ALA n 
1 15 ILE n 
1 16 LYS n 
1 17 GLU n 
1 18 ILE n 
1 19 ALA n 
1 20 TRP n 
1 21 ALA n 
1 22 ILE n 
1 23 LYS n 
1 24 GLU n 
1 25 ILE n 
1 26 ALA n 
1 27 GLN n 
1 28 ALA n 
1 29 ILE n 
1 30 LYS n 
1 31 GLY n 
1 32 NH2 n 
# 
_pdbx_entity_src_syn.entity_id              1 
_pdbx_entity_src_syn.pdbx_src_id            1 
_pdbx_entity_src_syn.pdbx_alt_source_flag   sample 
_pdbx_entity_src_syn.pdbx_beg_seq_num       1 
_pdbx_entity_src_syn.pdbx_end_seq_num       32 
_pdbx_entity_src_syn.organism_scientific    'synthetic construct' 
_pdbx_entity_src_syn.organism_common_name   ? 
_pdbx_entity_src_syn.ncbi_taxonomy_id       32630 
_pdbx_entity_src_syn.details                'solid-phase peptide synthesis using the fmoc-based strategy' 
# 
loop_
_chem_comp.id 
_chem_comp.type 
_chem_comp.mon_nstd_flag 
_chem_comp.name 
_chem_comp.pdbx_synonyms 
_chem_comp.formula 
_chem_comp.formula_weight 
ACE non-polymer         . 'ACETYL GROUP'  ?                               'C2 H4 O'        44.053  
ALA 'L-peptide linking' y ALANINE         ?                               'C3 H7 N O2'     89.093  
GLN 'L-peptide linking' y GLUTAMINE       ?                               'C5 H10 N2 O3'   146.144 
GLU 'L-peptide linking' y 'GLUTAMIC ACID' ?                               'C5 H9 N O4'     147.129 
GLY 'peptide linking'   y GLYCINE         ?                               'C2 H5 N O2'     75.067  
GOL non-polymer         . GLYCEROL        'GLYCERIN; PROPANE-1,2,3-TRIOL' 'C3 H8 O3'       92.094  
HOH non-polymer         . WATER           ?                               'H2 O'           18.015  
ILE 'L-peptide linking' y ISOLEUCINE      ?                               'C6 H13 N O2'    131.173 
LYS 'L-peptide linking' y LYSINE          ?                               'C6 H15 N2 O2 1' 147.195 
NH2 non-polymer         . 'AMINO GROUP'   ?                               'H2 N'           16.023  
TRP 'L-peptide linking' y TRYPTOPHAN      ?                               'C11 H12 N2 O2'  204.225 
# 
loop_
_pdbx_poly_seq_scheme.asym_id 
_pdbx_poly_seq_scheme.entity_id 
_pdbx_poly_seq_scheme.seq_id 
_pdbx_poly_seq_scheme.mon_id 
_pdbx_poly_seq_scheme.ndb_seq_num 
_pdbx_poly_seq_scheme.pdb_seq_num 
_pdbx_poly_seq_scheme.auth_seq_num 
_pdbx_poly_seq_scheme.pdb_mon_id 
_pdbx_poly_seq_scheme.auth_mon_id 
_pdbx_poly_seq_scheme.pdb_strand_id 
_pdbx_poly_seq_scheme.pdb_ins_code 
_pdbx_poly_seq_scheme.hetero 
A 1 1  ACE 1  0  0  ACE ACE A . n 
A 1 2  GLY 2  1  1  GLY GLY A . n 
A 1 3  GLU 3  2  2  GLU GLU A . n 
A 1 4  ILE 4  3  3  ILE ILE A . n 
A 1 5  ALA 5  4  4  ALA ALA A . n 
A 1 6  GLN 6  5  5  GLN GLN A . n 
A 1 7  ALA 7  6  6  ALA ALA A . n 
A 1 8  ILE 8  7  7  ILE ILE A . n 
A 1 9  LYS 9  8  8  LYS LYS A . n 
A 1 10 GLU 10 9  9  GLU GLU A . n 
A 1 11 ILE 11 10 10 ILE ILE A . n 
A 1 12 ALA 12 11 11 ALA ALA A . n 
A 1 13 LYS 13 12 12 LYS LYS A . n 
A 1 14 ALA 14 13 13 ALA ALA A . n 
A 1 15 ILE 15 14 14 ILE ILE A . n 
A 1 16 LYS 16 15 15 LYS LYS A . n 
A 1 17 GLU 17 16 16 GLU GLU A . n 
A 1 18 ILE 18 17 17 ILE ILE A . n 
A 1 19 ALA 19 18 18 ALA ALA A . n 
A 1 20 TRP 20 19 19 TRP TRP A . n 
A 1 21 ALA 21 20 20 ALA ALA A . n 
A 1 22 ILE 22 21 21 ILE ILE A . n 
A 1 23 LYS 23 22 22 LYS LYS A . n 
A 1 24 GLU 24 23 23 GLU GLU A . n 
A 1 25 ILE 25 24 24 ILE ILE A . n 
A 1 26 ALA 26 25 25 ALA ALA A . n 
A 1 27 GLN 27 26 26 GLN GLN A . n 
A 1 28 ALA 28 27 27 ALA ALA A . n 
A 1 29 ILE 29 28 28 ILE ILE A . n 
A 1 30 LYS 30 29 29 LYS LYS A . n 
A 1 31 GLY 31 30 30 GLY GLY A . n 
A 1 32 NH2 32 31 31 NH2 NH2 A . n 
B 1 1  ACE 1  0  0  ACE ACE B . n 
B 1 2  GLY 2  1  1  GLY GLY B . n 
B 1 3  GLU 3  2  2  GLU GLU B . n 
B 1 4  ILE 4  3  3  ILE ILE B . n 
B 1 5  ALA 5  4  4  ALA ALA B . n 
B 1 6  GLN 6  5  5  GLN GLN B . n 
B 1 7  ALA 7  6  6  ALA ALA B . n 
B 1 8  ILE 8  7  7  ILE ILE B . n 
B 1 9  LYS 9  8  8  LYS LYS B . n 
B 1 10 GLU 10 9  9  GLU GLU B . n 
B 1 11 ILE 11 10 10 ILE ILE B . n 
B 1 12 ALA 12 11 11 ALA ALA B . n 
B 1 13 LYS 13 12 12 LYS LYS B . n 
B 1 14 ALA 14 13 13 ALA ALA B . n 
B 1 15 ILE 15 14 14 ILE ILE B . n 
B 1 16 LYS 16 15 15 LYS LYS B . n 
B 1 17 GLU 17 16 16 GLU GLU B . n 
B 1 18 ILE 18 17 17 ILE ILE B . n 
B 1 19 ALA 19 18 18 ALA ALA B . n 
B 1 20 TRP 20 19 19 TRP TRP B . n 
B 1 21 ALA 21 20 20 ALA ALA B . n 
B 1 22 ILE 22 21 21 ILE ILE B . n 
B 1 23 LYS 23 22 22 LYS LYS B . n 
B 1 24 GLU 24 23 23 GLU GLU B . n 
B 1 25 ILE 25 24 24 ILE ILE B . n 
B 1 26 ALA 26 25 25 ALA ALA B . n 
B 1 27 GLN 27 26 26 GLN GLN B . n 
B 1 28 ALA 28 27 27 ALA ALA B . n 
B 1 29 ILE 29 28 28 ILE ILE B . n 
B 1 30 LYS 30 29 29 LYS LYS B . n 
B 1 31 GLY 31 30 30 GLY GLY B . n 
B 1 32 NH2 32 31 31 NH2 NH2 B . n 
# 
loop_
_pdbx_nonpoly_scheme.asym_id 
_pdbx_nonpoly_scheme.entity_id 
_pdbx_nonpoly_scheme.mon_id 
_pdbx_nonpoly_scheme.ndb_seq_num 
_pdbx_nonpoly_scheme.pdb_seq_num 
_pdbx_nonpoly_scheme.auth_seq_num 
_pdbx_nonpoly_scheme.pdb_mon_id 
_pdbx_nonpoly_scheme.auth_mon_id 
_pdbx_nonpoly_scheme.pdb_strand_id 
_pdbx_nonpoly_scheme.pdb_ins_code 
C 2 GOL 1  101 1  GOL GOL B . 
D 3 HOH 1  101 23 HOH HOH A . 
D 3 HOH 2  102 7  HOH HOH A . 
D 3 HOH 3  103 22 HOH HOH A . 
D 3 HOH 4  104 12 HOH HOH A . 
D 3 HOH 5  105 39 HOH HOH A . 
D 3 HOH 6  106 17 HOH HOH A . 
D 3 HOH 7  107 5  HOH HOH A . 
D 3 HOH 8  108 56 HOH HOH A . 
D 3 HOH 9  109 9  HOH HOH A . 
D 3 HOH 10 110 8  HOH HOH A . 
D 3 HOH 11 111 3  HOH HOH A . 
D 3 HOH 12 112 35 HOH HOH A . 
D 3 HOH 13 113 45 HOH HOH A . 
D 3 HOH 14 114 18 HOH HOH A . 
D 3 HOH 15 115 10 HOH HOH A . 
D 3 HOH 16 116 49 HOH HOH A . 
D 3 HOH 17 117 55 HOH HOH A . 
D 3 HOH 18 118 31 HOH HOH A . 
D 3 HOH 19 119 58 HOH HOH A . 
D 3 HOH 20 120 61 HOH HOH A . 
D 3 HOH 21 121 19 HOH HOH A . 
D 3 HOH 22 122 44 HOH HOH A . 
D 3 HOH 23 123 33 HOH HOH A . 
D 3 HOH 24 124 27 HOH HOH A . 
D 3 HOH 25 125 26 HOH HOH A . 
D 3 HOH 26 126 52 HOH HOH A . 
D 3 HOH 27 127 15 HOH HOH A . 
D 3 HOH 28 128 46 HOH HOH A . 
D 3 HOH 29 129 51 HOH HOH A . 
D 3 HOH 30 130 40 HOH HOH A . 
D 3 HOH 31 131 69 HOH HOH A . 
D 3 HOH 32 132 16 HOH HOH A . 
D 3 HOH 33 133 48 HOH HOH A . 
D 3 HOH 34 134 60 HOH HOH A . 
D 3 HOH 35 135 68 HOH HOH A . 
D 3 HOH 36 136 14 HOH HOH A . 
D 3 HOH 37 137 64 HOH HOH A . 
D 3 HOH 38 138 65 HOH HOH A . 
E 3 HOH 1  201 11 HOH HOH B . 
E 3 HOH 2  202 30 HOH HOH B . 
E 3 HOH 3  203 54 HOH HOH B . 
E 3 HOH 4  204 20 HOH HOH B . 
E 3 HOH 5  205 28 HOH HOH B . 
E 3 HOH 6  206 62 HOH HOH B . 
E 3 HOH 7  207 24 HOH HOH B . 
E 3 HOH 8  208 42 HOH HOH B . 
E 3 HOH 9  209 2  HOH HOH B . 
E 3 HOH 10 210 13 HOH HOH B . 
E 3 HOH 11 211 41 HOH HOH B . 
E 3 HOH 12 212 6  HOH HOH B . 
E 3 HOH 13 213 34 HOH HOH B . 
E 3 HOH 14 214 21 HOH HOH B . 
E 3 HOH 15 215 43 HOH HOH B . 
E 3 HOH 16 216 4  HOH HOH B . 
E 3 HOH 17 217 1  HOH HOH B . 
E 3 HOH 18 218 53 HOH HOH B . 
E 3 HOH 19 219 25 HOH HOH B . 
E 3 HOH 20 220 59 HOH HOH B . 
E 3 HOH 21 221 57 HOH HOH B . 
E 3 HOH 22 222 47 HOH HOH B . 
E 3 HOH 23 223 38 HOH HOH B . 
E 3 HOH 24 224 66 HOH HOH B . 
E 3 HOH 25 225 29 HOH HOH B . 
E 3 HOH 26 226 37 HOH HOH B . 
E 3 HOH 27 227 50 HOH HOH B . 
E 3 HOH 28 228 32 HOH HOH B . 
E 3 HOH 29 229 63 HOH HOH B . 
E 3 HOH 30 230 36 HOH HOH B . 
E 3 HOH 31 231 67 HOH HOH B . 
# 
loop_
_pdbx_unobs_or_zero_occ_atoms.id 
_pdbx_unobs_or_zero_occ_atoms.PDB_model_num 
_pdbx_unobs_or_zero_occ_atoms.polymer_flag 
_pdbx_unobs_or_zero_occ_atoms.occupancy_flag 
_pdbx_unobs_or_zero_occ_atoms.auth_asym_id 
_pdbx_unobs_or_zero_occ_atoms.auth_comp_id 
_pdbx_unobs_or_zero_occ_atoms.auth_seq_id 
_pdbx_unobs_or_zero_occ_atoms.PDB_ins_code 
_pdbx_unobs_or_zero_occ_atoms.auth_atom_id 
_pdbx_unobs_or_zero_occ_atoms.label_alt_id 
_pdbx_unobs_or_zero_occ_atoms.label_asym_id 
_pdbx_unobs_or_zero_occ_atoms.label_comp_id 
_pdbx_unobs_or_zero_occ_atoms.label_seq_id 
_pdbx_unobs_or_zero_occ_atoms.label_atom_id 
1 1 Y 0 A LYS 8  ? NZ ? A LYS 9  NZ 
2 1 Y 0 A LYS 15 ? CE ? A LYS 16 CE 
3 1 Y 0 A LYS 15 ? NZ ? A LYS 16 NZ 
4 1 Y 0 B LYS 12 ? NZ ? B LYS 13 NZ 
5 1 Y 0 B LYS 29 ? CD ? B LYS 30 CD 
6 1 Y 0 B LYS 29 ? CE ? B LYS 30 CE 
7 1 Y 0 B LYS 29 ? NZ ? B LYS 30 NZ 
# 
loop_
_software.citation_id 
_software.classification 
_software.compiler_name 
_software.compiler_version 
_software.contact_author 
_software.contact_author_email 
_software.date 
_software.description 
_software.dependencies 
_software.hardware 
_software.language 
_software.location 
_software.mods 
_software.name 
_software.os 
_software.os_version 
_software.type 
_software.version 
_software.pdbx_ordinal 
? 'data reduction'  ? ? ? ? ? ? ? ? ? ? ? iMOSFLM     ? ? ? .        1 
? 'data scaling'    ? ? ? ? ? ? ? ? ? ? ? Aimless     ? ? ? 0.5.31   2 
? phasing           ? ? ? ? ? ? ? ? ? ? ? PHASER      ? ? ? 2.7.17   3 
? refinement        ? ? ? ? ? ? ? ? ? ? ? PHENIX      ? ? ? 1.9_1692 4 
? 'data extraction' ? ? ? ? ? ? ? ? ? ? ? PDB_EXTRACT ? ? ? 3.24     5 
# 
_cell.angle_alpha                  90.000 
_cell.angle_alpha_esd              ? 
_cell.angle_beta                   90.000 
_cell.angle_beta_esd               ? 
_cell.angle_gamma                  90.000 
_cell.angle_gamma_esd              ? 
_cell.entry_id                     6G67 
_cell.details                      ? 
_cell.formula_units_Z              ? 
_cell.length_a                     48.110 
_cell.length_a_esd                 ? 
_cell.length_b                     48.110 
_cell.length_b_esd                 ? 
_cell.length_c                     126.969 
_cell.length_c_esd                 ? 
_cell.volume                       ? 
_cell.volume_esd                   ? 
_cell.Z_PDB                        32 
_cell.reciprocal_angle_alpha       ? 
_cell.reciprocal_angle_beta        ? 
_cell.reciprocal_angle_gamma       ? 
_cell.reciprocal_angle_alpha_esd   ? 
_cell.reciprocal_angle_beta_esd    ? 
_cell.reciprocal_angle_gamma_esd   ? 
_cell.reciprocal_length_a          ? 
_cell.reciprocal_length_b          ? 
_cell.reciprocal_length_c          ? 
_cell.reciprocal_length_a_esd      ? 
_cell.reciprocal_length_b_esd      ? 
_cell.reciprocal_length_c_esd      ? 
_cell.pdbx_unique_axis             ? 
# 
_symmetry.entry_id                         6G67 
_symmetry.cell_setting                     ? 
_symmetry.Int_Tables_number                97 
_symmetry.space_group_name_Hall            ? 
_symmetry.space_group_name_H-M             'I 4 2 2' 
_symmetry.pdbx_full_space_group_name_H-M   ? 
# 
_exptl.absorpt_coefficient_mu     ? 
_exptl.absorpt_correction_T_max   ? 
_exptl.absorpt_correction_T_min   ? 
_exptl.absorpt_correction_type    ? 
_exptl.absorpt_process_details    ? 
_exptl.entry_id                   6G67 
_exptl.crystals_number            1 
_exptl.details                    ? 
_exptl.method                     'X-RAY DIFFRACTION' 
_exptl.method_details             ? 
# 
_exptl_crystal.colour                      ? 
_exptl_crystal.density_diffrn              ? 
_exptl_crystal.density_Matthews            2.84 
_exptl_crystal.density_method              ? 
_exptl_crystal.density_percent_sol         56.67 
_exptl_crystal.description                 ? 
_exptl_crystal.F_000                       ? 
_exptl_crystal.id                          1 
_exptl_crystal.preparation                 ? 
_exptl_crystal.size_max                    ? 
_exptl_crystal.size_mid                    ? 
_exptl_crystal.size_min                    ? 
_exptl_crystal.size_rad                    ? 
_exptl_crystal.colour_lustre               ? 
_exptl_crystal.colour_modifier             ? 
_exptl_crystal.colour_primary              ? 
_exptl_crystal.density_meas                ? 
_exptl_crystal.density_meas_esd            ? 
_exptl_crystal.density_meas_gt             ? 
_exptl_crystal.density_meas_lt             ? 
_exptl_crystal.density_meas_temp           ? 
_exptl_crystal.density_meas_temp_esd       ? 
_exptl_crystal.density_meas_temp_gt        ? 
_exptl_crystal.density_meas_temp_lt        ? 
_exptl_crystal.pdbx_crystal_image_url      ? 
_exptl_crystal.pdbx_crystal_image_format   ? 
_exptl_crystal.pdbx_mosaicity              0.260 
_exptl_crystal.pdbx_mosaicity_esd          ? 
# 
_exptl_crystal_grow.apparatus       ? 
_exptl_crystal_grow.atmosphere      ? 
_exptl_crystal_grow.crystal_id      1 
_exptl_crystal_grow.details         ? 
_exptl_crystal_grow.method          'VAPOR DIFFUSION, SITTING DROP' 
_exptl_crystal_grow.method_ref      ? 
_exptl_crystal_grow.pH              6.5 
_exptl_crystal_grow.pressure        ? 
_exptl_crystal_grow.pressure_esd    ? 
_exptl_crystal_grow.seeding         ? 
_exptl_crystal_grow.seeding_ref     ? 
_exptl_crystal_grow.temp            293 
_exptl_crystal_grow.temp_details    ? 
_exptl_crystal_grow.temp_esd        ? 
_exptl_crystal_grow.time            ? 
_exptl_crystal_grow.pdbx_details    '100 mM Sodium citrate tribasic dihydrate, 50 mM Sodium cacodylate and 15% v/v 2-Propanol' 
_exptl_crystal_grow.pdbx_pH_range   ? 
# 
_diffrn.ambient_environment    ? 
_diffrn.ambient_temp           80 
_diffrn.ambient_temp_details   ? 
_diffrn.ambient_temp_esd       ? 
_diffrn.crystal_id             1 
_diffrn.crystal_support        ? 
_diffrn.crystal_treatment      ? 
_diffrn.details                ? 
_diffrn.id                     1 
_diffrn.ambient_pressure       ? 
_diffrn.ambient_pressure_esd   ? 
_diffrn.ambient_pressure_gt    ? 
_diffrn.ambient_pressure_lt    ? 
_diffrn.ambient_temp_gt        ? 
_diffrn.ambient_temp_lt        ? 
# 
_diffrn_detector.details                      ? 
_diffrn_detector.detector                     PIXEL 
_diffrn_detector.diffrn_id                    1 
_diffrn_detector.type                         'DECTRIS PILATUS 6M-F' 
_diffrn_detector.area_resol_mean              ? 
_diffrn_detector.dtime                        ? 
_diffrn_detector.pdbx_frames_total            ? 
_diffrn_detector.pdbx_collection_time_total   ? 
_diffrn_detector.pdbx_collection_date         2015-10-18 
# 
_diffrn_radiation.collimation                      ? 
_diffrn_radiation.diffrn_id                        1 
_diffrn_radiation.filter_edge                      ? 
_diffrn_radiation.inhomogeneity                    ? 
_diffrn_radiation.monochromator                    ? 
_diffrn_radiation.polarisn_norm                    ? 
_diffrn_radiation.polarisn_ratio                   ? 
_diffrn_radiation.probe                            ? 
_diffrn_radiation.type                             ? 
_diffrn_radiation.xray_symbol                      ? 
_diffrn_radiation.wavelength_id                    1 
_diffrn_radiation.pdbx_monochromatic_or_laue_m_l   M 
_diffrn_radiation.pdbx_wavelength_list             ? 
_diffrn_radiation.pdbx_wavelength                  ? 
_diffrn_radiation.pdbx_diffrn_protocol             'SINGLE WAVELENGTH' 
_diffrn_radiation.pdbx_analyzer                    ? 
_diffrn_radiation.pdbx_scattering_type             x-ray 
# 
_diffrn_radiation_wavelength.id           1 
_diffrn_radiation_wavelength.wavelength   0.97949 
_diffrn_radiation_wavelength.wt           1.0 
# 
_diffrn_source.current                     ? 
_diffrn_source.details                     ? 
_diffrn_source.diffrn_id                   1 
_diffrn_source.power                       ? 
_diffrn_source.size                        ? 
_diffrn_source.source                      SYNCHROTRON 
_diffrn_source.target                      ? 
_diffrn_source.type                        'DIAMOND BEAMLINE I04' 
_diffrn_source.voltage                     ? 
_diffrn_source.take-off_angle              ? 
_diffrn_source.pdbx_wavelength_list        0.97949 
_diffrn_source.pdbx_wavelength             ? 
_diffrn_source.pdbx_synchrotron_beamline   I04 
_diffrn_source.pdbx_synchrotron_site       Diamond 
# 
_reflns.B_iso_Wilson_estimate            27.490 
_reflns.entry_id                         6G67 
_reflns.data_reduction_details           ? 
_reflns.data_reduction_method            ? 
_reflns.d_resolution_high                1.770 
_reflns.d_resolution_low                 63.480 
_reflns.details                          ? 
_reflns.limit_h_max                      ? 
_reflns.limit_h_min                      ? 
_reflns.limit_k_max                      ? 
_reflns.limit_k_min                      ? 
_reflns.limit_l_max                      ? 
_reflns.limit_l_min                      ? 
_reflns.number_all                       ? 
_reflns.number_obs                       7676 
_reflns.observed_criterion               ? 
_reflns.observed_criterion_F_max         ? 
_reflns.observed_criterion_F_min         ? 
_reflns.observed_criterion_I_max         ? 
_reflns.observed_criterion_I_min         ? 
_reflns.observed_criterion_sigma_F       ? 
_reflns.observed_criterion_sigma_I       ? 
_reflns.percent_possible_obs             100.000 
_reflns.R_free_details                   ? 
_reflns.Rmerge_F_all                     ? 
_reflns.Rmerge_F_obs                     ? 
_reflns.Friedel_coverage                 ? 
_reflns.number_gt                        ? 
_reflns.threshold_expression             ? 
_reflns.pdbx_redundancy                  20.100 
_reflns.pdbx_Rmerge_I_obs                0.089 
_reflns.pdbx_Rmerge_I_all                ? 
_reflns.pdbx_Rsym_value                  ? 
_reflns.pdbx_netI_over_av_sigmaI         ? 
_reflns.pdbx_netI_over_sigmaI            17.900 
_reflns.pdbx_res_netI_over_av_sigmaI_2   ? 
_reflns.pdbx_res_netI_over_sigmaI_2      ? 
_reflns.pdbx_chi_squared                 ? 
_reflns.pdbx_scaling_rejects             ? 
_reflns.pdbx_d_res_high_opt              ? 
_reflns.pdbx_d_res_low_opt               ? 
_reflns.pdbx_d_res_opt_method            ? 
_reflns.phase_calculation_details        ? 
_reflns.pdbx_Rrim_I_all                  0.092 
_reflns.pdbx_Rpim_I_all                  0.021 
_reflns.pdbx_d_opt                       ? 
_reflns.pdbx_number_measured_all         ? 
_reflns.pdbx_diffrn_id                   1 
_reflns.pdbx_ordinal                     1 
_reflns.pdbx_CC_half                     0.998 
_reflns.pdbx_R_split                     ? 
# 
loop_
_reflns_shell.d_res_high 
_reflns_shell.d_res_low 
_reflns_shell.meanI_over_sigI_all 
_reflns_shell.meanI_over_sigI_obs 
_reflns_shell.number_measured_all 
_reflns_shell.number_measured_obs 
_reflns_shell.number_possible 
_reflns_shell.number_unique_all 
_reflns_shell.number_unique_obs 
_reflns_shell.percent_possible_all 
_reflns_shell.percent_possible_obs 
_reflns_shell.Rmerge_F_all 
_reflns_shell.Rmerge_F_obs 
_reflns_shell.Rmerge_I_all 
_reflns_shell.Rmerge_I_obs 
_reflns_shell.meanI_over_sigI_gt 
_reflns_shell.meanI_over_uI_all 
_reflns_shell.meanI_over_uI_gt 
_reflns_shell.number_measured_gt 
_reflns_shell.number_unique_gt 
_reflns_shell.percent_possible_gt 
_reflns_shell.Rmerge_F_gt 
_reflns_shell.Rmerge_I_gt 
_reflns_shell.pdbx_redundancy 
_reflns_shell.pdbx_Rsym_value 
_reflns_shell.pdbx_chi_squared 
_reflns_shell.pdbx_netI_over_sigmaI_all 
_reflns_shell.pdbx_netI_over_sigmaI_obs 
_reflns_shell.pdbx_Rrim_I_all 
_reflns_shell.pdbx_Rpim_I_all 
_reflns_shell.pdbx_rejects 
_reflns_shell.pdbx_ordinal 
_reflns_shell.pdbx_diffrn_id 
_reflns_shell.pdbx_CC_half 
_reflns_shell.pdbx_R_split 
1.770 1.810  ? ? ? ? ? ? 414 100.000 ? ? ? ? 0.832 ? ? ? ? ? ? ? ? 19.200 ? ? ? ? 0.855 0.193 ? 1 1 0.902 ? 
9.030 63.480 ? ? ? ? ? ? 82  99.800  ? ? ? ? 0.051 ? ? ? ? ? ? ? ? 14.600 ? ? ? ? 0.054 0.016 ? 2 1 0.996 ? 
# 
_refine.aniso_B[1][1]                            ? 
_refine.aniso_B[1][2]                            ? 
_refine.aniso_B[1][3]                            ? 
_refine.aniso_B[2][2]                            ? 
_refine.aniso_B[2][3]                            ? 
_refine.aniso_B[3][3]                            ? 
_refine.B_iso_max                                71.650 
_refine.B_iso_mean                               30.7111 
_refine.B_iso_min                                13.630 
_refine.correlation_coeff_Fo_to_Fc               ? 
_refine.correlation_coeff_Fo_to_Fc_free          ? 
_refine.details                                  ? 
_refine.diff_density_max                         ? 
_refine.diff_density_max_esd                     ? 
_refine.diff_density_min                         ? 
_refine.diff_density_min_esd                     ? 
_refine.diff_density_rms                         ? 
_refine.diff_density_rms_esd                     ? 
_refine.entry_id                                 6G67 
_refine.pdbx_refine_id                           'X-RAY DIFFRACTION' 
_refine.ls_abs_structure_details                 ? 
_refine.ls_abs_structure_Flack                   ? 
_refine.ls_abs_structure_Flack_esd               ? 
_refine.ls_abs_structure_Rogers                  ? 
_refine.ls_abs_structure_Rogers_esd              ? 
_refine.ls_d_res_high                            1.7700 
_refine.ls_d_res_low                             44.9880 
_refine.ls_extinction_coef                       ? 
_refine.ls_extinction_coef_esd                   ? 
_refine.ls_extinction_expression                 ? 
_refine.ls_extinction_method                     ? 
_refine.ls_goodness_of_fit_all                   ? 
_refine.ls_goodness_of_fit_all_esd               ? 
_refine.ls_goodness_of_fit_obs                   ? 
_refine.ls_goodness_of_fit_obs_esd               ? 
_refine.ls_hydrogen_treatment                    ? 
_refine.ls_matrix_type                           ? 
_refine.ls_number_constraints                    ? 
_refine.ls_number_parameters                     ? 
_refine.ls_number_reflns_all                     ? 
_refine.ls_number_reflns_obs                     7661 
_refine.ls_number_reflns_R_free                  377 
_refine.ls_number_reflns_R_work                  ? 
_refine.ls_number_restraints                     ? 
_refine.ls_percent_reflns_obs                    99.8200 
_refine.ls_percent_reflns_R_free                 4.9200 
_refine.ls_R_factor_all                          ? 
_refine.ls_R_factor_obs                          0.2053 
_refine.ls_R_factor_R_free                       0.2367 
_refine.ls_R_factor_R_free_error                 ? 
_refine.ls_R_factor_R_free_error_details         ? 
_refine.ls_R_factor_R_work                       0.2037 
_refine.ls_R_Fsqd_factor_obs                     ? 
_refine.ls_R_I_factor_obs                        ? 
_refine.ls_redundancy_reflns_all                 ? 
_refine.ls_redundancy_reflns_obs                 ? 
_refine.ls_restrained_S_all                      ? 
_refine.ls_restrained_S_obs                      ? 
_refine.ls_shift_over_esd_max                    ? 
_refine.ls_shift_over_esd_mean                   ? 
_refine.ls_structure_factor_coef                 ? 
_refine.ls_weighting_details                     ? 
_refine.ls_weighting_scheme                      ? 
_refine.ls_wR_factor_all                         ? 
_refine.ls_wR_factor_obs                         ? 
_refine.ls_wR_factor_R_free                      ? 
_refine.ls_wR_factor_R_work                      ? 
_refine.occupancy_max                            ? 
_refine.occupancy_min                            ? 
_refine.solvent_model_details                    ? 
_refine.solvent_model_param_bsol                 ? 
_refine.solvent_model_param_ksol                 ? 
_refine.ls_R_factor_gt                           ? 
_refine.ls_goodness_of_fit_gt                    ? 
_refine.ls_goodness_of_fit_ref                   ? 
_refine.ls_shift_over_su_max                     ? 
_refine.ls_shift_over_su_max_lt                  ? 
_refine.ls_shift_over_su_mean                    ? 
_refine.ls_shift_over_su_mean_lt                 ? 
_refine.pdbx_ls_sigma_I                          ? 
_refine.pdbx_ls_sigma_F                          1.360 
_refine.pdbx_ls_sigma_Fsqd                       ? 
_refine.pdbx_data_cutoff_high_absF               ? 
_refine.pdbx_data_cutoff_high_rms_absF           ? 
_refine.pdbx_data_cutoff_low_absF                ? 
_refine.pdbx_isotropic_thermal_model             ? 
_refine.pdbx_ls_cross_valid_method               THROUGHOUT 
_refine.pdbx_method_to_determine_struct          'MOLECULAR REPLACEMENT' 
_refine.pdbx_starting_model                      ? 
_refine.pdbx_stereochemistry_target_values       ? 
_refine.pdbx_R_Free_selection_details            ? 
_refine.pdbx_stereochem_target_val_spec_case     ? 
_refine.pdbx_overall_ESU_R                       ? 
_refine.pdbx_overall_ESU_R_Free                  ? 
_refine.pdbx_solvent_vdw_probe_radii             1.1100 
_refine.pdbx_solvent_ion_probe_radii             ? 
_refine.pdbx_solvent_shrinkage_radii             0.9000 
_refine.pdbx_real_space_R                        ? 
_refine.pdbx_density_correlation                 ? 
_refine.pdbx_pd_number_of_powder_patterns        ? 
_refine.pdbx_pd_number_of_points                 ? 
_refine.pdbx_pd_meas_number_of_points            ? 
_refine.pdbx_pd_proc_ls_prof_R_factor            ? 
_refine.pdbx_pd_proc_ls_prof_wR_factor           ? 
_refine.pdbx_pd_Marquardt_correlation_coeff      ? 
_refine.pdbx_pd_Fsqrd_R_factor                   ? 
_refine.pdbx_pd_ls_matrix_band_width             ? 
_refine.pdbx_overall_phase_error                 29.4500 
_refine.pdbx_overall_SU_R_free_Cruickshank_DPI   ? 
_refine.pdbx_overall_SU_R_free_Blow_DPI          ? 
_refine.pdbx_overall_SU_R_Blow_DPI               ? 
_refine.pdbx_TLS_residual_ADP_flag               ? 
_refine.pdbx_diffrn_id                           1 
_refine.overall_SU_B                             ? 
_refine.overall_SU_ML                            0.2400 
_refine.overall_SU_R_Cruickshank_DPI             ? 
_refine.overall_SU_R_free                        ? 
_refine.overall_FOM_free_R_set                   ? 
_refine.overall_FOM_work_R_set                   ? 
_refine.pdbx_average_fsc_overall                 ? 
_refine.pdbx_average_fsc_work                    ? 
_refine.pdbx_average_fsc_free                    ? 
# 
_refine_hist.cycle_id                         final 
_refine_hist.pdbx_refine_id                   'X-RAY DIFFRACTION' 
_refine_hist.d_res_high                       1.7700 
_refine_hist.d_res_low                        44.9880 
_refine_hist.pdbx_number_atoms_ligand         6 
_refine_hist.number_atoms_solvent             69 
_refine_hist.number_atoms_total               533 
_refine_hist.pdbx_number_residues_total       64 
_refine_hist.pdbx_B_iso_mean_ligand           59.56 
_refine_hist.pdbx_B_iso_mean_solvent          42.63 
_refine_hist.pdbx_number_atoms_protein        458 
_refine_hist.pdbx_number_atoms_nucleic_acid   0 
# 
loop_
_refine_ls_restr.pdbx_refine_id 
_refine_ls_restr.criterion 
_refine_ls_restr.dev_ideal 
_refine_ls_restr.dev_ideal_target 
_refine_ls_restr.number 
_refine_ls_restr.rejects 
_refine_ls_restr.type 
_refine_ls_restr.weight 
_refine_ls_restr.pdbx_restraint_function 
'X-RAY DIFFRACTION' ? 0.008  ? 556 ? f_bond_d           ? ? 
'X-RAY DIFFRACTION' ? 0.968  ? 770 ? f_angle_d          ? ? 
'X-RAY DIFFRACTION' ? 0.044  ? 93  ? f_chiral_restr     ? ? 
'X-RAY DIFFRACTION' ? 0.006  ? 95  ? f_plane_restr      ? ? 
'X-RAY DIFFRACTION' ? 13.156 ? 238 ? f_dihedral_angle_d ? ? 
# 
loop_
_refine_ls_shell.pdbx_refine_id 
_refine_ls_shell.d_res_high 
_refine_ls_shell.d_res_low 
_refine_ls_shell.number_reflns_all 
_refine_ls_shell.number_reflns_obs 
_refine_ls_shell.number_reflns_R_free 
_refine_ls_shell.number_reflns_R_work 
_refine_ls_shell.percent_reflns_obs 
_refine_ls_shell.percent_reflns_R_free 
_refine_ls_shell.R_factor_all 
_refine_ls_shell.R_factor_obs 
_refine_ls_shell.R_factor_R_free 
_refine_ls_shell.R_factor_R_free_error 
_refine_ls_shell.R_factor_R_work 
_refine_ls_shell.redundancy_reflns_all 
_refine_ls_shell.redundancy_reflns_obs 
_refine_ls_shell.wR_factor_all 
_refine_ls_shell.wR_factor_obs 
_refine_ls_shell.wR_factor_R_free 
_refine_ls_shell.wR_factor_R_work 
_refine_ls_shell.pdbx_total_number_of_bins_used 
_refine_ls_shell.pdbx_phase_error 
_refine_ls_shell.pdbx_fsc_work 
_refine_ls_shell.pdbx_fsc_free 
'X-RAY DIFFRACTION' 1.7702 2.0263  2482 . 125 2357 100.0000 . . . 0.2904 0.0000 0.2330 . . . . . . 3 . . . 
'X-RAY DIFFRACTION' 2.0263 2.5529  2520 . 132 2388 100.0000 . . . 0.2435 0.0000 0.2092 . . . . . . 3 . . . 
'X-RAY DIFFRACTION' 2.5529 45.0029 2659 . 120 2539 100.0000 . . . 0.2241 0.0000 0.1966 . . . . . . 3 . . . 
# 
_struct.entry_id                     6G67 
_struct.title                        'Crystal structure of a parallel eight-helix coiled coil CC-Type2-II' 
_struct.pdbx_model_details           ? 
_struct.pdbx_formula_weight          ? 
_struct.pdbx_formula_weight_method   ? 
_struct.pdbx_model_type_details      ? 
_struct.pdbx_CASP_flag               N 
# 
_struct_keywords.entry_id        6G67 
_struct_keywords.text            'de novo, coiled coil, alpha-helical bundle, synthetic construct, DE NOVO PROTEIN' 
_struct_keywords.pdbx_keywords   'DE NOVO PROTEIN' 
# 
loop_
_struct_asym.id 
_struct_asym.pdbx_blank_PDB_chainid_flag 
_struct_asym.pdbx_modified 
_struct_asym.entity_id 
_struct_asym.details 
A N N 1 ? 
B N N 1 ? 
C N N 2 ? 
D N N 3 ? 
E N N 3 ? 
# 
_struct_ref.id                         1 
_struct_ref.db_name                    PDB 
_struct_ref.db_code                    6G67 
_struct_ref.pdbx_db_accession          6G67 
_struct_ref.pdbx_db_isoform            ? 
_struct_ref.entity_id                  1 
_struct_ref.pdbx_seq_one_letter_code   ? 
_struct_ref.pdbx_align_begin           1 
# 
loop_
_struct_ref_seq.align_id 
_struct_ref_seq.ref_id 
_struct_ref_seq.pdbx_PDB_id_code 
_struct_ref_seq.pdbx_strand_id 
_struct_ref_seq.seq_align_beg 
_struct_ref_seq.pdbx_seq_align_beg_ins_code 
_struct_ref_seq.seq_align_end 
_struct_ref_seq.pdbx_seq_align_end_ins_code 
_struct_ref_seq.pdbx_db_accession 
_struct_ref_seq.db_align_beg 
_struct_ref_seq.pdbx_db_align_beg_ins_code 
_struct_ref_seq.db_align_end 
_struct_ref_seq.pdbx_db_align_end_ins_code 
_struct_ref_seq.pdbx_auth_seq_align_beg 
_struct_ref_seq.pdbx_auth_seq_align_end 
1 1 6G67 A 1 ? 32 ? 6G67 0 ? 31 ? 0 31 
2 1 6G67 B 1 ? 32 ? 6G67 0 ? 31 ? 0 31 
# 
_pdbx_struct_assembly.id                   1 
_pdbx_struct_assembly.details              author_and_software_defined_assembly 
_pdbx_struct_assembly.method_details       PISA 
_pdbx_struct_assembly.oligomeric_details   octameric 
_pdbx_struct_assembly.oligomeric_count     8 
# 
loop_
_pdbx_struct_assembly_prop.biol_id 
_pdbx_struct_assembly_prop.type 
_pdbx_struct_assembly_prop.value 
_pdbx_struct_assembly_prop.details 
1 'ABSA (A^2)' 13860 ? 
1 MORE         -134  ? 
1 'SSA (A^2)'  12230 ? 
# 
_pdbx_struct_assembly_gen.assembly_id       1 
_pdbx_struct_assembly_gen.oper_expression   1,2,3,4 
_pdbx_struct_assembly_gen.asym_id_list      A,B,C,D,E 
# 
_pdbx_struct_assembly_auth_evidence.id                     1 
_pdbx_struct_assembly_auth_evidence.assembly_id            1 
_pdbx_struct_assembly_auth_evidence.experimental_support   'equilibrium centrifugation' 
_pdbx_struct_assembly_auth_evidence.details                
'At the time of publication, solution-phase data indicated a hexameric species.' 
# 
loop_
_pdbx_struct_oper_list.id 
_pdbx_struct_oper_list.type 
_pdbx_struct_oper_list.name 
_pdbx_struct_oper_list.symmetry_operation 
_pdbx_struct_oper_list.matrix[1][1] 
_pdbx_struct_oper_list.matrix[1][2] 
_pdbx_struct_oper_list.matrix[1][3] 
_pdbx_struct_oper_list.vector[1] 
_pdbx_struct_oper_list.matrix[2][1] 
_pdbx_struct_oper_list.matrix[2][2] 
_pdbx_struct_oper_list.matrix[2][3] 
_pdbx_struct_oper_list.vector[2] 
_pdbx_struct_oper_list.matrix[3][1] 
_pdbx_struct_oper_list.matrix[3][2] 
_pdbx_struct_oper_list.matrix[3][3] 
_pdbx_struct_oper_list.vector[3] 
1 'identity operation'         1_555 x,y,z       1.0000000000  0.0000000000 0.0000000000  0.0000000000  0.0000000000 1.0000000000 0.0000000000  0.0000000000  0.0000000000  0.0000000000  1.0000000000  0.0000000000  
2 'crystal symmetry operation' 2_775 -x+2,-y+2,z -0.9411174963 0.3371878788 -0.0245396118 3.5327878680  0.3371878788 0.9308904762 -0.1405249290 0.8406280500  -0.0245396118 -0.1405249290 -0.9897729799 20.0275777657 
3 'crystal symmetry operation' 3_755 -y+2,x,z    0.0294412519  0.0970851285 -0.9948405352 11.6357059360 0.2401027503 0.9654452381 0.1013220682  -1.4242099906 0.9703009234  -0.2418469972 0.0051135100  8.3503012924  
4 'crystal symmetry operation' 4_575 y,-x+2,z    0.0294412519  0.2401027503 0.9703009234  -8.1029180680 0.0970851285 0.9654452381 -0.2418469972 2.2648380406  -0.9948405352 0.1013220682  0.0051135100  11.6772764733 
# 
loop_
_struct_conf.conf_type_id 
_struct_conf.id 
_struct_conf.pdbx_PDB_helix_id 
_struct_conf.beg_label_comp_id 
_struct_conf.beg_label_asym_id 
_struct_conf.beg_label_seq_id 
_struct_conf.pdbx_beg_PDB_ins_code 
_struct_conf.end_label_comp_id 
_struct_conf.end_label_asym_id 
_struct_conf.end_label_seq_id 
_struct_conf.pdbx_end_PDB_ins_code 
_struct_conf.beg_auth_comp_id 
_struct_conf.beg_auth_asym_id 
_struct_conf.beg_auth_seq_id 
_struct_conf.end_auth_comp_id 
_struct_conf.end_auth_asym_id 
_struct_conf.end_auth_seq_id 
_struct_conf.pdbx_PDB_helix_class 
_struct_conf.details 
_struct_conf.pdbx_PDB_helix_length 
HELX_P HELX_P1 AA1 GLY A 2 ? GLY A 31 ? GLY A 1 GLY A 30 1 ? 30 
HELX_P HELX_P2 AA2 GLY B 2 ? GLY B 31 ? GLY B 1 GLY B 30 1 ? 30 
# 
_struct_conf_type.id          HELX_P 
_struct_conf_type.criteria    ? 
_struct_conf_type.reference   ? 
# 
loop_
_struct_conn.id 
_struct_conn.conn_type_id 
_struct_conn.pdbx_leaving_atom_flag 
_struct_conn.pdbx_PDB_id 
_struct_conn.ptnr1_label_asym_id 
_struct_conn.ptnr1_label_comp_id 
_struct_conn.ptnr1_label_seq_id 
_struct_conn.ptnr1_label_atom_id 
_struct_conn.pdbx_ptnr1_label_alt_id 
_struct_conn.pdbx_ptnr1_PDB_ins_code 
_struct_conn.pdbx_ptnr1_standard_comp_id 
_struct_conn.ptnr1_symmetry 
_struct_conn.ptnr2_label_asym_id 
_struct_conn.ptnr2_label_comp_id 
_struct_conn.ptnr2_label_seq_id 
_struct_conn.ptnr2_label_atom_id 
_struct_conn.pdbx_ptnr2_label_alt_id 
_struct_conn.pdbx_ptnr2_PDB_ins_code 
_struct_conn.ptnr1_auth_asym_id 
_struct_conn.ptnr1_auth_comp_id 
_struct_conn.ptnr1_auth_seq_id 
_struct_conn.ptnr2_auth_asym_id 
_struct_conn.ptnr2_auth_comp_id 
_struct_conn.ptnr2_auth_seq_id 
_struct_conn.ptnr2_symmetry 
_struct_conn.pdbx_ptnr3_label_atom_id 
_struct_conn.pdbx_ptnr3_label_seq_id 
_struct_conn.pdbx_ptnr3_label_comp_id 
_struct_conn.pdbx_ptnr3_label_asym_id 
_struct_conn.pdbx_ptnr3_label_alt_id 
_struct_conn.pdbx_ptnr3_PDB_ins_code 
_struct_conn.details 
_struct_conn.pdbx_dist_value 
_struct_conn.pdbx_value_order 
_struct_conn.pdbx_role 
covale1 covale both ? A ACE 1  C ? ? ? 1_555 A GLY 2  N ? ? A ACE 0  A GLY 1  1_555 ? ? ? ? ? ? ? 1.323 ? ? 
covale2 covale both ? A GLY 31 C ? ? ? 1_555 A NH2 32 N ? ? A GLY 30 A NH2 31 1_555 ? ? ? ? ? ? ? 1.352 ? ? 
covale3 covale both ? B ACE 1  C ? ? ? 1_555 B GLY 2  N ? ? B ACE 0  B GLY 1  1_555 ? ? ? ? ? ? ? 1.330 ? ? 
covale4 covale both ? B GLY 31 C ? ? ? 1_555 B NH2 32 N ? ? B GLY 30 B NH2 31 1_555 ? ? ? ? ? ? ? 1.351 ? ? 
# 
_struct_conn_type.id          covale 
_struct_conn_type.criteria    ? 
_struct_conn_type.reference   ? 
# 
loop_
_pdbx_modification_feature.ordinal 
_pdbx_modification_feature.label_comp_id 
_pdbx_modification_feature.label_asym_id 
_pdbx_modification_feature.label_seq_id 
_pdbx_modification_feature.label_alt_id 
_pdbx_modification_feature.modified_residue_label_comp_id 
_pdbx_modification_feature.modified_residue_label_asym_id 
_pdbx_modification_feature.modified_residue_label_seq_id 
_pdbx_modification_feature.modified_residue_label_alt_id 
_pdbx_modification_feature.auth_comp_id 
_pdbx_modification_feature.auth_asym_id 
_pdbx_modification_feature.auth_seq_id 
_pdbx_modification_feature.PDB_ins_code 
_pdbx_modification_feature.symmetry 
_pdbx_modification_feature.modified_residue_auth_comp_id 
_pdbx_modification_feature.modified_residue_auth_asym_id 
_pdbx_modification_feature.modified_residue_auth_seq_id 
_pdbx_modification_feature.modified_residue_PDB_ins_code 
_pdbx_modification_feature.modified_residue_symmetry 
_pdbx_modification_feature.comp_id_linking_atom 
_pdbx_modification_feature.modified_residue_id_linking_atom 
_pdbx_modification_feature.modified_residue_id 
_pdbx_modification_feature.ref_pcm_id 
_pdbx_modification_feature.ref_comp_id 
_pdbx_modification_feature.type 
_pdbx_modification_feature.category 
1 ACE A 1  ? GLY A 2  ? ACE A 0  ? 1_555 GLY A 1  ? 1_555 . . GLY 12 ACE None 'Terminal acetylation' 
2 ACE B 1  ? GLY B 2  ? ACE B 0  ? 1_555 GLY B 1  ? 1_555 . . GLY 12 ACE None 'Terminal acetylation' 
3 NH2 A 32 ? GLY A 31 ? NH2 A 31 ? 1_555 GLY A 30 ? 1_555 . . GLY 12 NH2 None 'Terminal amidation'   
4 NH2 B 32 ? GLY B 31 ? NH2 B 31 ? 1_555 GLY B 30 ? 1_555 . . GLY 12 NH2 None 'Terminal amidation'   
# 
loop_
_struct_site.id 
_struct_site.pdbx_evidence_code 
_struct_site.pdbx_auth_asym_id 
_struct_site.pdbx_auth_comp_id 
_struct_site.pdbx_auth_seq_id 
_struct_site.pdbx_auth_ins_code 
_struct_site.pdbx_num_residues 
_struct_site.details 
AC1 Software B ACE 0  ? 7 'binding site for Di-peptide ACE B 0 and GLY B 1'   
AC2 Software B GLY 30 ? 4 'binding site for Di-peptide GLY B 30 and NH2 B 31' 
# 
loop_
_struct_site_gen.id 
_struct_site_gen.site_id 
_struct_site_gen.pdbx_num_res 
_struct_site_gen.label_comp_id 
_struct_site_gen.label_asym_id 
_struct_site_gen.label_seq_id 
_struct_site_gen.pdbx_auth_ins_code 
_struct_site_gen.auth_comp_id 
_struct_site_gen.auth_asym_id 
_struct_site_gen.auth_seq_id 
_struct_site_gen.label_atom_id 
_struct_site_gen.label_alt_id 
_struct_site_gen.symmetry 
_struct_site_gen.details 
1  AC1 7 GLU A 3  ? GLU A 2   . ? 4_575 ? 
2  AC1 7 GLU A 3  ? GLU A 2   . ? 5_755 ? 
3  AC1 7 GLU B 3  ? GLU B 2   . ? 1_555 ? 
4  AC1 7 ILE B 4  ? ILE B 3   . ? 1_555 ? 
5  AC1 7 ALA B 5  ? ALA B 4   . ? 1_555 ? 
6  AC1 7 GLN B 6  ? GLN B 5   . ? 1_555 ? 
7  AC1 7 HOH E .  ? HOH B 218 . ? 1_555 ? 
8  AC2 4 GLN B 27 ? GLN B 26  . ? 1_555 ? 
9  AC2 4 ALA B 28 ? ALA B 27  . ? 1_555 ? 
10 AC2 4 ILE B 29 ? ILE B 28  . ? 1_555 ? 
11 AC2 4 LYS B 30 ? LYS B 29  . ? 1_555 ? 
# 
_pdbx_entry_details.entry_id                   6G67 
_pdbx_entry_details.compound_details           ? 
_pdbx_entry_details.source_details             ? 
_pdbx_entry_details.nonpolymer_details         ? 
_pdbx_entry_details.sequence_details           ? 
_pdbx_entry_details.has_ligand_of_interest     ? 
_pdbx_entry_details.has_protein_modification   Y 
# 
_pdbx_validate_close_contact.id               1 
_pdbx_validate_close_contact.PDB_model_num    1 
_pdbx_validate_close_contact.auth_atom_id_1   OE1 
_pdbx_validate_close_contact.auth_asym_id_1   B 
_pdbx_validate_close_contact.auth_comp_id_1   GLU 
_pdbx_validate_close_contact.auth_seq_id_1    9 
_pdbx_validate_close_contact.PDB_ins_code_1   ? 
_pdbx_validate_close_contact.label_alt_id_1   B 
_pdbx_validate_close_contact.auth_atom_id_2   O 
_pdbx_validate_close_contact.auth_asym_id_2   B 
_pdbx_validate_close_contact.auth_comp_id_2   HOH 
_pdbx_validate_close_contact.auth_seq_id_2    201 
_pdbx_validate_close_contact.PDB_ins_code_2   ? 
_pdbx_validate_close_contact.label_alt_id_2   ? 
_pdbx_validate_close_contact.dist             2.18 
# 
loop_
_pdbx_struct_special_symmetry.id 
_pdbx_struct_special_symmetry.PDB_model_num 
_pdbx_struct_special_symmetry.auth_asym_id 
_pdbx_struct_special_symmetry.auth_comp_id 
_pdbx_struct_special_symmetry.auth_seq_id 
_pdbx_struct_special_symmetry.PDB_ins_code 
_pdbx_struct_special_symmetry.label_asym_id 
_pdbx_struct_special_symmetry.label_comp_id 
_pdbx_struct_special_symmetry.label_seq_id 
1  1 B GOL 101 ? C GOL . 
2  1 A HOH 132 ? D HOH . 
3  1 A HOH 135 ? D HOH . 
4  1 A HOH 136 ? D HOH . 
5  1 A HOH 137 ? D HOH . 
6  1 A HOH 138 ? D HOH . 
7  1 B HOH 225 ? E HOH . 
8  1 B HOH 229 ? E HOH . 
9  1 B HOH 230 ? E HOH . 
10 1 B HOH 231 ? E HOH . 
# 
_pdbx_phasing_MR.entry_id                     6G67 
_pdbx_phasing_MR.method_rotation              ? 
_pdbx_phasing_MR.method_translation           ? 
_pdbx_phasing_MR.model_details                'Phaser MODE: MR_AUTO' 
_pdbx_phasing_MR.R_factor                     ? 
_pdbx_phasing_MR.R_rigid_body                 ? 
_pdbx_phasing_MR.correlation_coeff_Fo_to_Fc   ? 
_pdbx_phasing_MR.correlation_coeff_Io_to_Ic   ? 
_pdbx_phasing_MR.d_res_high_rotation          1.770 
_pdbx_phasing_MR.d_res_low_rotation           63.480 
_pdbx_phasing_MR.d_res_high_translation       1.770 
_pdbx_phasing_MR.d_res_low_translation        63.480 
_pdbx_phasing_MR.packing                      ? 
_pdbx_phasing_MR.reflns_percent_rotation      ? 
_pdbx_phasing_MR.reflns_percent_translation   ? 
_pdbx_phasing_MR.sigma_F_rotation             ? 
_pdbx_phasing_MR.sigma_F_translation          ? 
_pdbx_phasing_MR.sigma_I_rotation             ? 
_pdbx_phasing_MR.sigma_I_translation          ? 
# 
_phasing.method   MR 
# 
loop_
_pdbx_distant_solvent_atoms.id 
_pdbx_distant_solvent_atoms.PDB_model_num 
_pdbx_distant_solvent_atoms.auth_atom_id 
_pdbx_distant_solvent_atoms.label_alt_id 
_pdbx_distant_solvent_atoms.auth_asym_id 
_pdbx_distant_solvent_atoms.auth_comp_id 
_pdbx_distant_solvent_atoms.auth_seq_id 
_pdbx_distant_solvent_atoms.PDB_ins_code 
_pdbx_distant_solvent_atoms.neighbor_macromolecule_distance 
_pdbx_distant_solvent_atoms.neighbor_ligand_distance 
1 1 O ? A HOH 135 ? 6.58 .    
2 1 O ? A HOH 136 ? 6.65 .    
3 1 O ? A HOH 137 ? 9.38 .    
4 1 O ? A HOH 138 ? 9.40 .    
5 1 O ? B HOH 228 ? 7.73 .    
6 1 O ? B HOH 229 ? .    8.95 
7 1 O ? B HOH 230 ? 9.51 .    
8 1 O ? B HOH 231 ? 9.68 .    
# 
loop_
_chem_comp_atom.comp_id 
_chem_comp_atom.atom_id 
_chem_comp_atom.type_symbol 
_chem_comp_atom.pdbx_aromatic_flag 
_chem_comp_atom.pdbx_stereo_config 
_chem_comp_atom.pdbx_ordinal 
ACE C    C N N 1   
ACE O    O N N 2   
ACE CH3  C N N 3   
ACE H    H N N 4   
ACE H1   H N N 5   
ACE H2   H N N 6   
ACE H3   H N N 7   
ALA N    N N N 8   
ALA CA   C N S 9   
ALA C    C N N 10  
ALA O    O N N 11  
ALA CB   C N N 12  
ALA OXT  O N N 13  
ALA H    H N N 14  
ALA H2   H N N 15  
ALA HA   H N N 16  
ALA HB1  H N N 17  
ALA HB2  H N N 18  
ALA HB3  H N N 19  
ALA HXT  H N N 20  
GLN N    N N N 21  
GLN CA   C N S 22  
GLN C    C N N 23  
GLN O    O N N 24  
GLN CB   C N N 25  
GLN CG   C N N 26  
GLN CD   C N N 27  
GLN OE1  O N N 28  
GLN NE2  N N N 29  
GLN OXT  O N N 30  
GLN H    H N N 31  
GLN H2   H N N 32  
GLN HA   H N N 33  
GLN HB2  H N N 34  
GLN HB3  H N N 35  
GLN HG2  H N N 36  
GLN HG3  H N N 37  
GLN HE21 H N N 38  
GLN HE22 H N N 39  
GLN HXT  H N N 40  
GLU N    N N N 41  
GLU CA   C N S 42  
GLU C    C N N 43  
GLU O    O N N 44  
GLU CB   C N N 45  
GLU CG   C N N 46  
GLU CD   C N N 47  
GLU OE1  O N N 48  
GLU OE2  O N N 49  
GLU OXT  O N N 50  
GLU H    H N N 51  
GLU H2   H N N 52  
GLU HA   H N N 53  
GLU HB2  H N N 54  
GLU HB3  H N N 55  
GLU HG2  H N N 56  
GLU HG3  H N N 57  
GLU HE2  H N N 58  
GLU HXT  H N N 59  
GLY N    N N N 60  
GLY CA   C N N 61  
GLY C    C N N 62  
GLY O    O N N 63  
GLY OXT  O N N 64  
GLY H    H N N 65  
GLY H2   H N N 66  
GLY HA2  H N N 67  
GLY HA3  H N N 68  
GLY HXT  H N N 69  
GOL C1   C N N 70  
GOL O1   O N N 71  
GOL C2   C N N 72  
GOL O2   O N N 73  
GOL C3   C N N 74  
GOL O3   O N N 75  
GOL H11  H N N 76  
GOL H12  H N N 77  
GOL HO1  H N N 78  
GOL H2   H N N 79  
GOL HO2  H N N 80  
GOL H31  H N N 81  
GOL H32  H N N 82  
GOL HO3  H N N 83  
HOH O    O N N 84  
HOH H1   H N N 85  
HOH H2   H N N 86  
ILE N    N N N 87  
ILE CA   C N S 88  
ILE C    C N N 89  
ILE O    O N N 90  
ILE CB   C N S 91  
ILE CG1  C N N 92  
ILE CG2  C N N 93  
ILE CD1  C N N 94  
ILE OXT  O N N 95  
ILE H    H N N 96  
ILE H2   H N N 97  
ILE HA   H N N 98  
ILE HB   H N N 99  
ILE HG12 H N N 100 
ILE HG13 H N N 101 
ILE HG21 H N N 102 
ILE HG22 H N N 103 
ILE HG23 H N N 104 
ILE HD11 H N N 105 
ILE HD12 H N N 106 
ILE HD13 H N N 107 
ILE HXT  H N N 108 
LYS N    N N N 109 
LYS CA   C N S 110 
LYS C    C N N 111 
LYS O    O N N 112 
LYS CB   C N N 113 
LYS CG   C N N 114 
LYS CD   C N N 115 
LYS CE   C N N 116 
LYS NZ   N N N 117 
LYS OXT  O N N 118 
LYS H    H N N 119 
LYS H2   H N N 120 
LYS HA   H N N 121 
LYS HB2  H N N 122 
LYS HB3  H N N 123 
LYS HG2  H N N 124 
LYS HG3  H N N 125 
LYS HD2  H N N 126 
LYS HD3  H N N 127 
LYS HE2  H N N 128 
LYS HE3  H N N 129 
LYS HZ1  H N N 130 
LYS HZ2  H N N 131 
LYS HZ3  H N N 132 
LYS HXT  H N N 133 
NH2 N    N N N 134 
NH2 HN1  H N N 135 
NH2 HN2  H N N 136 
TRP N    N N N 137 
TRP CA   C N S 138 
TRP C    C N N 139 
TRP O    O N N 140 
TRP CB   C N N 141 
TRP CG   C Y N 142 
TRP CD1  C Y N 143 
TRP CD2  C Y N 144 
TRP NE1  N Y N 145 
TRP CE2  C Y N 146 
TRP CE3  C Y N 147 
TRP CZ2  C Y N 148 
TRP CZ3  C Y N 149 
TRP CH2  C Y N 150 
TRP OXT  O N N 151 
TRP H    H N N 152 
TRP H2   H N N 153 
TRP HA   H N N 154 
TRP HB2  H N N 155 
TRP HB3  H N N 156 
TRP HD1  H N N 157 
TRP HE1  H N N 158 
TRP HE3  H N N 159 
TRP HZ2  H N N 160 
TRP HZ3  H N N 161 
TRP HH2  H N N 162 
TRP HXT  H N N 163 
# 
loop_
_chem_comp_bond.comp_id 
_chem_comp_bond.atom_id_1 
_chem_comp_bond.atom_id_2 
_chem_comp_bond.value_order 
_chem_comp_bond.pdbx_aromatic_flag 
_chem_comp_bond.pdbx_stereo_config 
_chem_comp_bond.pdbx_ordinal 
ACE C   O    doub N N 1   
ACE C   CH3  sing N N 2   
ACE C   H    sing N N 3   
ACE CH3 H1   sing N N 4   
ACE CH3 H2   sing N N 5   
ACE CH3 H3   sing N N 6   
ALA N   CA   sing N N 7   
ALA N   H    sing N N 8   
ALA N   H2   sing N N 9   
ALA CA  C    sing N N 10  
ALA CA  CB   sing N N 11  
ALA CA  HA   sing N N 12  
ALA C   O    doub N N 13  
ALA C   OXT  sing N N 14  
ALA CB  HB1  sing N N 15  
ALA CB  HB2  sing N N 16  
ALA CB  HB3  sing N N 17  
ALA OXT HXT  sing N N 18  
GLN N   CA   sing N N 19  
GLN N   H    sing N N 20  
GLN N   H2   sing N N 21  
GLN CA  C    sing N N 22  
GLN CA  CB   sing N N 23  
GLN CA  HA   sing N N 24  
GLN C   O    doub N N 25  
GLN C   OXT  sing N N 26  
GLN CB  CG   sing N N 27  
GLN CB  HB2  sing N N 28  
GLN CB  HB3  sing N N 29  
GLN CG  CD   sing N N 30  
GLN CG  HG2  sing N N 31  
GLN CG  HG3  sing N N 32  
GLN CD  OE1  doub N N 33  
GLN CD  NE2  sing N N 34  
GLN NE2 HE21 sing N N 35  
GLN NE2 HE22 sing N N 36  
GLN OXT HXT  sing N N 37  
GLU N   CA   sing N N 38  
GLU N   H    sing N N 39  
GLU N   H2   sing N N 40  
GLU CA  C    sing N N 41  
GLU CA  CB   sing N N 42  
GLU CA  HA   sing N N 43  
GLU C   O    doub N N 44  
GLU C   OXT  sing N N 45  
GLU CB  CG   sing N N 46  
GLU CB  HB2  sing N N 47  
GLU CB  HB3  sing N N 48  
GLU CG  CD   sing N N 49  
GLU CG  HG2  sing N N 50  
GLU CG  HG3  sing N N 51  
GLU CD  OE1  doub N N 52  
GLU CD  OE2  sing N N 53  
GLU OE2 HE2  sing N N 54  
GLU OXT HXT  sing N N 55  
GLY N   CA   sing N N 56  
GLY N   H    sing N N 57  
GLY N   H2   sing N N 58  
GLY CA  C    sing N N 59  
GLY CA  HA2  sing N N 60  
GLY CA  HA3  sing N N 61  
GLY C   O    doub N N 62  
GLY C   OXT  sing N N 63  
GLY OXT HXT  sing N N 64  
GOL C1  O1   sing N N 65  
GOL C1  C2   sing N N 66  
GOL C1  H11  sing N N 67  
GOL C1  H12  sing N N 68  
GOL O1  HO1  sing N N 69  
GOL C2  O2   sing N N 70  
GOL C2  C3   sing N N 71  
GOL C2  H2   sing N N 72  
GOL O2  HO2  sing N N 73  
GOL C3  O3   sing N N 74  
GOL C3  H31  sing N N 75  
GOL C3  H32  sing N N 76  
GOL O3  HO3  sing N N 77  
HOH O   H1   sing N N 78  
HOH O   H2   sing N N 79  
ILE N   CA   sing N N 80  
ILE N   H    sing N N 81  
ILE N   H2   sing N N 82  
ILE CA  C    sing N N 83  
ILE CA  CB   sing N N 84  
ILE CA  HA   sing N N 85  
ILE C   O    doub N N 86  
ILE C   OXT  sing N N 87  
ILE CB  CG1  sing N N 88  
ILE CB  CG2  sing N N 89  
ILE CB  HB   sing N N 90  
ILE CG1 CD1  sing N N 91  
ILE CG1 HG12 sing N N 92  
ILE CG1 HG13 sing N N 93  
ILE CG2 HG21 sing N N 94  
ILE CG2 HG22 sing N N 95  
ILE CG2 HG23 sing N N 96  
ILE CD1 HD11 sing N N 97  
ILE CD1 HD12 sing N N 98  
ILE CD1 HD13 sing N N 99  
ILE OXT HXT  sing N N 100 
LYS N   CA   sing N N 101 
LYS N   H    sing N N 102 
LYS N   H2   sing N N 103 
LYS CA  C    sing N N 104 
LYS CA  CB   sing N N 105 
LYS CA  HA   sing N N 106 
LYS C   O    doub N N 107 
LYS C   OXT  sing N N 108 
LYS CB  CG   sing N N 109 
LYS CB  HB2  sing N N 110 
LYS CB  HB3  sing N N 111 
LYS CG  CD   sing N N 112 
LYS CG  HG2  sing N N 113 
LYS CG  HG3  sing N N 114 
LYS CD  CE   sing N N 115 
LYS CD  HD2  sing N N 116 
LYS CD  HD3  sing N N 117 
LYS CE  NZ   sing N N 118 
LYS CE  HE2  sing N N 119 
LYS CE  HE3  sing N N 120 
LYS NZ  HZ1  sing N N 121 
LYS NZ  HZ2  sing N N 122 
LYS NZ  HZ3  sing N N 123 
LYS OXT HXT  sing N N 124 
NH2 N   HN1  sing N N 125 
NH2 N   HN2  sing N N 126 
TRP N   CA   sing N N 127 
TRP N   H    sing N N 128 
TRP N   H2   sing N N 129 
TRP CA  C    sing N N 130 
TRP CA  CB   sing N N 131 
TRP CA  HA   sing N N 132 
TRP C   O    doub N N 133 
TRP C   OXT  sing N N 134 
TRP CB  CG   sing N N 135 
TRP CB  HB2  sing N N 136 
TRP CB  HB3  sing N N 137 
TRP CG  CD1  doub Y N 138 
TRP CG  CD2  sing Y N 139 
TRP CD1 NE1  sing Y N 140 
TRP CD1 HD1  sing N N 141 
TRP CD2 CE2  doub Y N 142 
TRP CD2 CE3  sing Y N 143 
TRP NE1 CE2  sing Y N 144 
TRP NE1 HE1  sing N N 145 
TRP CE2 CZ2  sing Y N 146 
TRP CE3 CZ3  doub Y N 147 
TRP CE3 HE3  sing N N 148 
TRP CZ2 CH2  doub Y N 149 
TRP CZ2 HZ2  sing N N 150 
TRP CZ3 CH2  sing Y N 151 
TRP CZ3 HZ3  sing N N 152 
TRP CH2 HH2  sing N N 153 
TRP OXT HXT  sing N N 154 
# 
loop_
_pdbx_audit_support.funding_organization 
_pdbx_audit_support.country 
_pdbx_audit_support.grant_number 
_pdbx_audit_support.ordinal 
'Engineering and Physical Sciences Research Council' 'United Kingdom' EP/G036764/1 1 
'European Research Council'                          'United Kingdom' 340764       2 
# 
_atom_sites.entry_id                    6G67 
_atom_sites.fract_transf_matrix[1][1]   -0.01954508 
_atom_sites.fract_transf_matrix[1][2]   0.00294499 
_atom_sites.fract_transf_matrix[1][3]   -0.00643232 
_atom_sites.fract_transf_matrix[2][1]   0.00610962 
_atom_sites.fract_transf_matrix[2][2]   -0.00250133 
_atom_sites.fract_transf_matrix[2][3]   -0.01970974 
_atom_sites.fract_transf_matrix[3][1]   -0.00135140 
_atom_sites.fract_transf_matrix[3][2]   -0.00773873 
_atom_sites.fract_transf_matrix[3][3]   0.00056320 
_atom_sites.fract_transf_vector[1]      1.097713 
_atom_sites.fract_transf_vector[2]      1.187643 
_atom_sites.fract_transf_vector[3]      0.180675 
# 
loop_
_atom_type.symbol 
C 
N 
O 
# 
loop_
_atom_site.group_PDB 
_atom_site.id 
_atom_site.type_symbol 
_atom_site.label_atom_id 
_atom_site.label_alt_id 
_atom_site.label_comp_id 
_atom_site.label_asym_id 
_atom_site.label_entity_id 
_atom_site.label_seq_id 
_atom_site.pdbx_PDB_ins_code 
_atom_site.Cartn_x 
_atom_site.Cartn_y 
_atom_site.Cartn_z 
_atom_site.occupancy 
_atom_site.B_iso_or_equiv 
_atom_site.pdbx_formal_charge 
_atom_site.auth_seq_id 
_atom_site.auth_comp_id 
_atom_site.auth_asym_id 
_atom_site.auth_atom_id 
_atom_site.pdbx_PDB_model_num 
HETATM 1   C C   . ACE A 1 1  ? 10.082  19.101  -6.684 1.00 36.76 ? 0   ACE A C   1 
HETATM 2   O O   . ACE A 1 1  ? 11.299  19.100  -6.860 1.00 41.38 ? 0   ACE A O   1 
HETATM 3   C CH3 . ACE A 1 1  ? 9.116   18.846  -7.800 1.00 42.55 ? 0   ACE A CH3 1 
ATOM   4   N N   . GLY A 1 2  ? 9.531   19.488  -5.544 1.00 30.19 ? 1   GLY A N   1 
ATOM   5   C CA  . GLY A 1 2  ? 10.347  19.766  -4.379 1.00 26.37 ? 1   GLY A CA  1 
ATOM   6   C C   . GLY A 1 2  ? 10.865  18.521  -3.710 1.00 30.00 ? 1   GLY A C   1 
ATOM   7   O O   . GLY A 1 2  ? 10.283  17.449  -3.851 1.00 27.88 ? 1   GLY A O   1 
ATOM   8   N N   . GLU A 1 3  ? 11.952  18.664  -2.960 1.00 24.69 ? 2   GLU A N   1 
ATOM   9   C CA  . GLU A 1 3  ? 12.571  17.506  -2.342 1.00 29.41 ? 2   GLU A CA  1 
ATOM   10  C C   . GLU A 1 3  ? 11.684  16.899  -1.266 1.00 26.68 ? 2   GLU A C   1 
ATOM   11  O O   . GLU A 1 3  ? 11.673  15.697  -1.103 1.00 22.90 ? 2   GLU A O   1 
ATOM   12  C CB  . GLU A 1 3  ? 13.931  17.862  -1.746 1.00 27.76 ? 2   GLU A CB  1 
ATOM   13  C CG  . GLU A 1 3  ? 13.876  18.904  -0.669 1.00 30.54 ? 2   GLU A CG  1 
ATOM   14  C CD  . GLU A 1 3  ? 15.188  19.040  0.061  1.00 32.54 ? 2   GLU A CD  1 
ATOM   15  O OE1 . GLU A 1 3  ? 16.181  18.380  -0.336 1.00 36.55 ? 2   GLU A OE1 1 
ATOM   16  O OE2 . GLU A 1 3  ? 15.218  19.803  1.041  1.00 30.85 ? 2   GLU A OE2 1 
ATOM   17  N N   . ILE A 1 4  ? 10.945  17.711  -0.512 1.00 19.74 ? 3   ILE A N   1 
ATOM   18  C CA  A ILE A 1 4  ? 10.076  17.156  0.534  0.68 19.94 ? 3   ILE A CA  1 
ATOM   19  C CA  B ILE A 1 4  ? 10.097  17.137  0.531  0.32 20.01 ? 3   ILE A CA  1 
ATOM   20  C C   . ILE A 1 4  ? 8.926   16.346  -0.072 1.00 24.58 ? 3   ILE A C   1 
ATOM   21  O O   . ILE A 1 4  ? 8.656   15.217  0.364  1.00 22.44 ? 3   ILE A O   1 
ATOM   22  C CB  A ILE A 1 4  ? 9.519   18.263  1.442  0.68 22.80 ? 3   ILE A CB  1 
ATOM   23  C CB  B ILE A 1 4  ? 9.579   18.219  1.488  0.32 22.76 ? 3   ILE A CB  1 
ATOM   24  C CG1 A ILE A 1 4  ? 10.662  18.923  2.207  0.68 23.54 ? 3   ILE A CG1 1 
ATOM   25  C CG1 B ILE A 1 4  ? 10.738  18.746  2.335  0.32 22.89 ? 3   ILE A CG1 1 
ATOM   26  C CG2 A ILE A 1 4  ? 8.497   17.704  2.419  0.68 23.47 ? 3   ILE A CG2 1 
ATOM   27  C CG2 B ILE A 1 4  ? 8.496   17.664  2.396  0.32 23.48 ? 3   ILE A CG2 1 
ATOM   28  C CD1 A ILE A 1 4  ? 11.281  18.032  3.220  0.68 21.37 ? 3   ILE A CD1 1 
ATOM   29  C CD1 B ILE A 1 4  ? 10.358  19.907  3.218  0.32 21.42 ? 3   ILE A CD1 1 
ATOM   30  N N   . ALA A 1 5  ? 8.258   16.908  -1.087 1.00 23.02 ? 4   ALA A N   1 
ATOM   31  C CA  . ALA A 1 5  ? 7.157   16.204  -1.748 1.00 21.88 ? 4   ALA A CA  1 
ATOM   32  C C   . ALA A 1 5  ? 7.670   14.896  -2.354 1.00 23.54 ? 4   ALA A C   1 
ATOM   33  O O   . ALA A 1 5  ? 7.020   13.864  -2.286 1.00 20.79 ? 4   ALA A O   1 
ATOM   34  C CB  . ALA A 1 5  ? 6.504   17.082  -2.831 1.00 20.31 ? 4   ALA A CB  1 
ATOM   35  N N   . GLN A 1 6  ? 8.854   14.937  -2.942 1.00 22.75 ? 5   GLN A N   1 
ATOM   36  C CA  A GLN A 1 6  ? 9.415   13.735  -3.551 0.35 23.41 ? 5   GLN A CA  1 
ATOM   37  C CA  B GLN A 1 6  ? 9.464   13.756  -3.548 0.31 23.44 ? 5   GLN A CA  1 
ATOM   38  C CA  C GLN A 1 6  ? 9.411   13.737  -3.553 0.33 23.42 ? 5   GLN A CA  1 
ATOM   39  C C   . GLN A 1 6  ? 9.723   12.670  -2.500 1.00 26.36 ? 5   GLN A C   1 
ATOM   40  O O   . GLN A 1 6  ? 9.439   11.480  -2.714 1.00 22.23 ? 5   GLN A O   1 
ATOM   41  C CB  A GLN A 1 6  ? 10.668  14.082  -4.354 0.35 24.35 ? 5   GLN A CB  1 
ATOM   42  C CB  B GLN A 1 6  ? 10.760  14.173  -4.252 0.31 24.45 ? 5   GLN A CB  1 
ATOM   43  C CB  C GLN A 1 6  ? 10.656  14.096  -4.368 0.33 24.36 ? 5   GLN A CB  1 
ATOM   44  C CG  A GLN A 1 6  ? 10.346  14.684  -5.711 0.35 29.17 ? 5   GLN A CG  1 
ATOM   45  C CG  B GLN A 1 6  ? 11.767  13.080  -4.526 0.31 29.09 ? 5   GLN A CG  1 
ATOM   46  C CG  C GLN A 1 6  ? 10.425  14.187  -5.885 0.33 32.63 ? 5   GLN A CG  1 
ATOM   47  C CD  A GLN A 1 6  ? 9.583   13.716  -6.600 0.35 30.97 ? 5   GLN A CD  1 
ATOM   48  C CD  B GLN A 1 6  ? 13.071  13.648  -5.079 0.31 33.84 ? 5   GLN A CD  1 
ATOM   49  C CD  C GLN A 1 6  ? 9.469   15.301  -6.332 0.33 30.91 ? 5   GLN A CD  1 
ATOM   50  O OE1 A GLN A 1 6  ? 9.911   12.533  -6.665 0.35 30.44 ? 5   GLN A OE1 1 
ATOM   51  O OE1 B GLN A 1 6  ? 13.113  14.789  -5.545 0.31 38.00 ? 5   GLN A OE1 1 
ATOM   52  O OE1 C GLN A 1 6  ? 8.838   15.981  -5.523 0.33 29.23 ? 5   GLN A OE1 1 
ATOM   53  N NE2 A GLN A 1 6  ? 8.550   14.209  -7.274 0.35 25.61 ? 5   GLN A NE2 1 
ATOM   54  N NE2 B GLN A 1 6  ? 14.137  12.862  -5.014 0.31 31.02 ? 5   GLN A NE2 1 
ATOM   55  N NE2 C GLN A 1 6  ? 9.365   15.482  -7.643 0.33 29.88 ? 5   GLN A NE2 1 
ATOM   56  N N   . ALA A 1 7  ? 10.261  13.075  -1.361 1.00 17.42 ? 6   ALA A N   1 
ATOM   57  C CA  . ALA A 1 7  ? 10.526  12.119  -0.281 1.00 20.81 ? 6   ALA A CA  1 
ATOM   58  C C   . ALA A 1 7  ? 9.224   11.529  0.251  1.00 23.07 ? 6   ALA A C   1 
ATOM   59  O O   . ALA A 1 7  ? 9.170   10.353  0.626  1.00 19.31 ? 6   ALA A O   1 
ATOM   60  C CB  . ALA A 1 7  ? 11.293  12.772  0.849  1.00 21.44 ? 6   ALA A CB  1 
ATOM   61  N N   . ILE A 1 8  ? 8.175   12.342  0.317  1.00 22.09 ? 7   ILE A N   1 
ATOM   62  C CA  . ILE A 1 8  ? 6.872   11.826  0.752  1.00 17.42 ? 7   ILE A CA  1 
ATOM   63  C C   . ILE A 1 8  ? 6.350   10.796  -0.272 1.00 24.58 ? 7   ILE A C   1 
ATOM   64  O O   . ILE A 1 8  ? 5.792   9.751   0.097  1.00 21.86 ? 7   ILE A O   1 
ATOM   65  C CB  . ILE A 1 8  ? 5.867   12.970  0.961  1.00 19.74 ? 7   ILE A CB  1 
ATOM   66  C CG1 . ILE A 1 8  ? 6.292   13.815  2.160  1.00 19.64 ? 7   ILE A CG1 1 
ATOM   67  C CG2 . ILE A 1 8  ? 4.455   12.452  1.190  1.00 20.37 ? 7   ILE A CG2 1 
ATOM   68  C CD1 . ILE A 1 8  ? 5.451   15.060  2.308  1.00 20.27 ? 7   ILE A CD1 1 
ATOM   69  N N   . LYS A 1 9  ? 6.558   11.063  -1.558 1.00 18.75 ? 8   LYS A N   1 
ATOM   70  C CA  . LYS A 1 9  ? 6.209   10.066  -2.574 1.00 19.12 ? 8   LYS A CA  1 
ATOM   71  C C   . LYS A 1 9  ? 6.997   8.781   -2.417 1.00 23.77 ? 8   LYS A C   1 
ATOM   72  O O   . LYS A 1 9  ? 6.484   7.698   -2.718 1.00 22.39 ? 8   LYS A O   1 
ATOM   73  C CB  . LYS A 1 9  ? 6.437   10.614  -3.981 1.00 24.42 ? 8   LYS A CB  1 
ATOM   74  C CG  . LYS A 1 9  ? 5.499   11.714  -4.396 1.00 31.65 ? 8   LYS A CG  1 
ATOM   75  C CD  . LYS A 1 9  ? 5.910   12.168  -5.788 1.00 35.14 ? 8   LYS A CD  1 
ATOM   76  C CE  . LYS A 1 9  ? 5.148   13.376  -6.245 1.00 43.34 ? 8   LYS A CE  1 
ATOM   77  N NZ  . LYS A 1 9  ? 5.421   14.550  -5.372 0.00 29.94 ? 8   LYS A NZ  1 
ATOM   78  N N   . GLU A 1 10 ? 8.248   8.867   -1.967 1.00 20.80 ? 9   GLU A N   1 
ATOM   79  C CA  A GLU A 1 10 ? 9.041   7.653   -1.763 0.57 21.17 ? 9   GLU A CA  1 
ATOM   80  C CA  B GLU A 1 10 ? 9.040   7.653   -1.765 0.43 21.22 ? 9   GLU A CA  1 
ATOM   81  C C   . GLU A 1 10 ? 8.438   6.792   -0.658 1.00 25.28 ? 9   GLU A C   1 
ATOM   82  O O   . GLU A 1 10 ? 8.462   5.555   -0.726 1.00 18.93 ? 9   GLU A O   1 
ATOM   83  C CB  A GLU A 1 10 ? 10.492  7.992   -1.423 0.57 23.96 ? 9   GLU A CB  1 
ATOM   84  C CB  B GLU A 1 10 ? 10.496  7.989   -1.434 0.43 23.98 ? 9   GLU A CB  1 
ATOM   85  C CG  A GLU A 1 10 ? 11.289  8.538   -2.597 0.57 26.84 ? 9   GLU A CG  1 
ATOM   86  C CG  B GLU A 1 10 ? 11.237  8.691   -2.562 0.43 26.96 ? 9   GLU A CG  1 
ATOM   87  C CD  A GLU A 1 10 ? 11.356  7.564   -3.761 0.57 30.03 ? 9   GLU A CD  1 
ATOM   88  C CD  B GLU A 1 10 ? 12.745  8.555   -2.461 0.43 34.17 ? 9   GLU A CD  1 
ATOM   89  O OE1 A GLU A 1 10 ? 11.578  6.357   -3.524 0.57 37.03 ? 9   GLU A OE1 1 
ATOM   90  O OE1 B GLU A 1 10 ? 13.226  7.729   -1.660 0.43 40.66 ? 9   GLU A OE1 1 
ATOM   91  O OE2 A GLU A 1 10 ? 11.177  8.003   -4.915 0.57 34.21 ? 9   GLU A OE2 1 
ATOM   92  O OE2 B GLU A 1 10 ? 13.453  9.278   -3.191 0.43 41.59 ? 9   GLU A OE2 1 
ATOM   93  N N   . ILE A 1 11 ? 7.907   7.442   0.373  1.00 19.99 ? 10  ILE A N   1 
ATOM   94  C CA  . ILE A 1 11 ? 7.174   6.711   1.408  1.00 20.71 ? 10  ILE A CA  1 
ATOM   95  C C   . ILE A 1 11 ? 5.939   6.006   0.811  1.00 20.08 ? 10  ILE A C   1 
ATOM   96  O O   . ILE A 1 11 ? 5.691   4.830   1.108  1.00 22.11 ? 10  ILE A O   1 
ATOM   97  C CB  . ILE A 1 11 ? 6.757   7.637   2.548  1.00 17.29 ? 10  ILE A CB  1 
ATOM   98  C CG1 . ILE A 1 11 ? 7.999   7.981   3.367  1.00 18.44 ? 10  ILE A CG1 1 
ATOM   99  C CG2 . ILE A 1 11 ? 5.697   6.971   3.444  1.00 21.07 ? 10  ILE A CG2 1 
ATOM   100 C CD1 . ILE A 1 11 ? 7.708   8.816   4.577  1.00 25.83 ? 10  ILE A CD1 1 
ATOM   101 N N   . ALA A 1 12 ? 5.178   6.703   -0.039 1.00 18.40 ? 11  ALA A N   1 
ATOM   102 C CA  . ALA A 1 12 ? 3.990   6.089   -0.643 1.00 19.45 ? 11  ALA A CA  1 
ATOM   103 C C   . ALA A 1 12 ? 4.389   4.864   -1.470 1.00 19.79 ? 11  ALA A C   1 
ATOM   104 O O   . ALA A 1 12 ? 3.726   3.823   -1.395 1.00 22.35 ? 11  ALA A O   1 
ATOM   105 C CB  . ALA A 1 12 ? 3.206   7.095   -1.496 1.00 16.71 ? 11  ALA A CB  1 
ATOM   106 N N   . LYS A 1 13 ? 5.478   4.960   -2.227 1.00 21.87 ? 12  LYS A N   1 
ATOM   107 C CA  . LYS A 1 13 ? 5.928   3.803   -3.017 1.00 21.76 ? 12  LYS A CA  1 
ATOM   108 C C   . LYS A 1 13 ? 6.300   2.646   -2.123 1.00 23.69 ? 12  LYS A C   1 
ATOM   109 O O   . LYS A 1 13 ? 6.050   1.480   -2.463 1.00 21.64 ? 12  LYS A O   1 
ATOM   110 C CB  . LYS A 1 13 ? 7.127   4.158   -3.892 1.00 23.02 ? 12  LYS A CB  1 
ATOM   111 C CG  . LYS A 1 13 ? 6.785   5.160   -4.984 1.00 26.92 ? 12  LYS A CG  1 
ATOM   112 C CD  . LYS A 1 13 ? 7.973   5.436   -5.884 1.00 37.28 ? 12  LYS A CD  1 
ATOM   113 C CE  . LYS A 1 13 ? 8.327   6.915   -5.890 1.00 53.81 ? 12  LYS A CE  1 
ATOM   114 N NZ  . LYS A 1 13 ? 9.628   7.172   -6.569 1.00 56.52 ? 12  LYS A NZ  1 
ATOM   115 N N   . ALA A 1 14 ? 6.921   2.947   -0.989 1.00 22.28 ? 13  ALA A N   1 
ATOM   116 C CA  . ALA A 1 14 ? 7.309   1.875   -0.081 1.00 23.19 ? 13  ALA A CA  1 
ATOM   117 C C   . ALA A 1 14 ? 6.081   1.218   0.523  1.00 20.87 ? 13  ALA A C   1 
ATOM   118 O O   . ALA A 1 14 ? 6.045   -0.004  0.731  1.00 20.50 ? 13  ALA A O   1 
ATOM   119 C CB  . ALA A 1 14 ? 8.203   2.391   1.011  1.00 18.76 ? 13  ALA A CB  1 
ATOM   120 N N   . ILE A 1 15 ? 5.082   2.036   0.835  1.00 16.97 ? 14  ILE A N   1 
ATOM   121 C CA  . ILE A 1 15 ? 3.841   1.507   1.401  1.00 19.93 ? 14  ILE A CA  1 
ATOM   122 C C   . ILE A 1 15 ? 3.148   0.600   0.369  1.00 20.45 ? 14  ILE A C   1 
ATOM   123 O O   . ILE A 1 15 ? 2.614   -0.461  0.714  1.00 22.11 ? 14  ILE A O   1 
ATOM   124 C CB  . ILE A 1 15 ? 2.922   2.649   1.865  1.00 20.61 ? 14  ILE A CB  1 
ATOM   125 C CG1 . ILE A 1 15 ? 3.580   3.377   3.033  1.00 22.26 ? 14  ILE A CG1 1 
ATOM   126 C CG2 . ILE A 1 15 ? 1.561   2.123   2.303  1.00 22.44 ? 14  ILE A CG2 1 
ATOM   127 C CD1 . ILE A 1 15 ? 2.802   4.574   3.527  1.00 19.35 ? 14  ILE A CD1 1 
ATOM   128 N N   . LYS A 1 16 ? 3.187   0.977   -0.903 1.00 19.95 ? 15  LYS A N   1 
ATOM   129 C CA  . LYS A 1 16 ? 2.692   0.050   -1.939 1.00 20.86 ? 15  LYS A CA  1 
ATOM   130 C C   . LYS A 1 16 ? 3.420   -1.288  -1.920 1.00 25.56 ? 15  LYS A C   1 
ATOM   131 O O   . LYS A 1 16 ? 2.809   -2.344  -2.123 1.00 24.63 ? 15  LYS A O   1 
ATOM   132 C CB  . LYS A 1 16 ? 2.820   0.674   -3.324 1.00 17.80 ? 15  LYS A CB  1 
ATOM   133 C CG  . LYS A 1 16 ? 1.680   1.620   -3.652 1.00 33.57 ? 15  LYS A CG  1 
ATOM   134 C CD  . LYS A 1 16 ? 1.761   2.097   -5.093 1.00 44.70 ? 15  LYS A CD  1 
ATOM   135 C CE  . LYS A 1 16 ? 3.112   2.717   -5.398 0.00 33.42 ? 15  LYS A CE  1 
ATOM   136 N NZ  . LYS A 1 16 ? 3.188   3.209   -6.803 0.00 35.60 ? 15  LYS A NZ  1 
ATOM   137 N N   . GLU A 1 17 ? 4.724   -1.257  -1.673 1.00 21.51 ? 16  GLU A N   1 
ATOM   138 C CA  . GLU A 1 17 ? 5.485   -2.495  -1.661 1.00 22.37 ? 16  GLU A CA  1 
ATOM   139 C C   . GLU A 1 17 ? 5.013   -3.409  -0.546 1.00 26.07 ? 16  GLU A C   1 
ATOM   140 O O   . GLU A 1 17 ? 5.013   -4.631  -0.702 1.00 20.90 ? 16  GLU A O   1 
ATOM   141 C CB  . GLU A 1 17 ? 6.976   -2.217  -1.529 1.00 22.49 ? 16  GLU A CB  1 
ATOM   142 C CG  . GLU A 1 17 ? 7.532   -1.538  -2.751 1.00 24.26 ? 16  GLU A CG  1 
ATOM   143 C CD  . GLU A 1 17 ? 9.043   -1.583  -2.810 1.00 48.55 ? 16  GLU A CD  1 
ATOM   144 O OE1 . GLU A 1 17 ? 9.671   -1.984  -1.806 1.00 44.78 ? 16  GLU A OE1 1 
ATOM   145 O OE2 . GLU A 1 17 ? 9.604   -1.207  -3.860 1.00 48.99 ? 16  GLU A OE2 1 
ATOM   146 N N   . ILE A 1 18 ? 4.610   -2.815  0.572  1.00 20.85 ? 17  ILE A N   1 
ATOM   147 C CA  A ILE A 1 18 ? 4.026   -3.604  1.648  0.72 23.28 ? 17  ILE A CA  1 
ATOM   148 C CA  B ILE A 1 18 ? 3.975   -3.545  1.668  0.28 23.16 ? 17  ILE A CA  1 
ATOM   149 C C   . ILE A 1 18 ? 2.711   -4.247  1.187  1.00 20.58 ? 17  ILE A C   1 
ATOM   150 O O   . ILE A 1 18 ? 2.476   -5.429  1.474  1.00 21.23 ? 17  ILE A O   1 
ATOM   151 C CB  A ILE A 1 18 ? 3.795   -2.764  2.922  0.72 21.73 ? 17  ILE A CB  1 
ATOM   152 C CB  B ILE A 1 18 ? 3.590   -2.610  2.835  0.28 20.93 ? 17  ILE A CB  1 
ATOM   153 C CG1 A ILE A 1 18 ? 5.137   -2.497  3.609  0.72 19.97 ? 17  ILE A CG1 1 
ATOM   154 C CG1 B ILE A 1 18 ? 4.802   -1.819  3.323  0.28 19.92 ? 17  ILE A CG1 1 
ATOM   155 C CG2 A ILE A 1 18 ? 2.871   -3.506  3.889  0.72 22.01 ? 17  ILE A CG2 1 
ATOM   156 C CG2 B ILE A 1 18 ? 2.964   -3.410  3.975  0.28 21.97 ? 17  ILE A CG2 1 
ATOM   157 C CD1 A ILE A 1 18 ? 5.025   -1.732  4.896  0.72 13.63 ? 17  ILE A CD1 1 
ATOM   158 C CD1 B ILE A 1 18 ? 5.731   -2.629  4.162  0.28 18.51 ? 17  ILE A CD1 1 
ATOM   159 N N   . ALA A 1 19 ? 1.874   -3.504  0.467  1.00 17.85 ? 18  ALA A N   1 
ATOM   160 C CA  . ALA A 1 19 ? 0.624   -4.087  -0.049 1.00 19.75 ? 18  ALA A CA  1 
ATOM   161 C C   . ALA A 1 19 ? 0.914   -5.317  -0.934 1.00 25.44 ? 18  ALA A C   1 
ATOM   162 O O   . ALA A 1 19 ? 0.311   -6.388  -0.751 1.00 22.45 ? 18  ALA A O   1 
ATOM   163 C CB  . ALA A 1 19 ? -0.189  -3.032  -0.819 1.00 21.94 ? 18  ALA A CB  1 
ATOM   164 N N   . TRP A 1 20 ? 1.860   -5.187  -1.863 1.00 24.42 ? 19  TRP A N   1 
ATOM   165 C CA  . TRP A 1 20 ? 2.217   -6.312  -2.737 1.00 23.69 ? 19  TRP A CA  1 
ATOM   166 C C   . TRP A 1 20 ? 2.681   -7.520  -1.942 1.00 27.88 ? 19  TRP A C   1 
ATOM   167 O O   . TRP A 1 20 ? 2.349   -8.655  -2.283 1.00 26.40 ? 19  TRP A O   1 
ATOM   168 C CB  . TRP A 1 20 ? 3.328   -5.940  -3.720 1.00 24.67 ? 19  TRP A CB  1 
ATOM   169 C CG  . TRP A 1 20 ? 3.032   -4.756  -4.582 1.00 43.36 ? 19  TRP A CG  1 
ATOM   170 C CD1 . TRP A 1 20 ? 1.804   -4.290  -4.953 1.00 52.34 ? 19  TRP A CD1 1 
ATOM   171 C CD2 . TRP A 1 20 ? 4.000   -3.867  -5.168 1.00 36.10 ? 19  TRP A CD2 1 
ATOM   172 N NE1 . TRP A 1 20 ? 1.945   -3.166  -5.744 1.00 52.28 ? 19  TRP A NE1 1 
ATOM   173 C CE2 . TRP A 1 20 ? 3.272   -2.888  -5.888 1.00 42.64 ? 19  TRP A CE2 1 
ATOM   174 C CE3 . TRP A 1 20 ? 5.397   -3.809  -5.156 1.00 42.94 ? 19  TRP A CE3 1 
ATOM   175 C CZ2 . TRP A 1 20 ? 3.915   -1.858  -6.591 1.00 58.46 ? 19  TRP A CZ2 1 
ATOM   176 C CZ3 . TRP A 1 20 ? 6.028   -2.782  -5.856 1.00 56.73 ? 19  TRP A CZ3 1 
ATOM   177 C CH2 . TRP A 1 20 ? 5.285   -1.823  -6.562 1.00 51.69 ? 19  TRP A CH2 1 
ATOM   178 N N   . ALA A 1 21 ? 3.463   -7.283  -0.894 1.00 23.40 ? 20  ALA A N   1 
ATOM   179 C CA  . ALA A 1 21 ? 3.958   -8.381  -0.063 1.00 23.50 ? 20  ALA A CA  1 
ATOM   180 C C   . ALA A 1 21 ? 2.815   -9.082  0.681  1.00 26.06 ? 20  ALA A C   1 
ATOM   181 O O   . ALA A 1 21 ? 2.793   -10.314 0.782  1.00 22.84 ? 20  ALA A O   1 
ATOM   182 C CB  . ALA A 1 21 ? 5.008   -7.873  0.921  1.00 25.20 ? 20  ALA A CB  1 
ATOM   183 N N   . ILE A 1 22 ? 1.857   -8.309  1.191  1.00 19.85 ? 21  ILE A N   1 
ATOM   184 C CA  A ILE A 1 22 ? 0.699   -8.898  1.853  0.86 22.42 ? 21  ILE A CA  1 
ATOM   185 C CA  B ILE A 1 22 ? 0.684   -8.890  1.839  0.14 22.35 ? 21  ILE A CA  1 
ATOM   186 C C   . ILE A 1 22 ? -0.114  -9.722  0.833  1.00 24.01 ? 21  ILE A C   1 
ATOM   187 O O   . ILE A 1 22 ? -0.639  -10.799 1.156  1.00 24.07 ? 21  ILE A O   1 
ATOM   188 C CB  A ILE A 1 22 ? -0.168  -7.809  2.534  0.86 21.39 ? 21  ILE A CB  1 
ATOM   189 C CB  B ILE A 1 22 ? -0.219  -7.806  2.457  0.14 21.37 ? 21  ILE A CB  1 
ATOM   190 C CG1 A ILE A 1 22 ? 0.604   -7.208  3.714  0.86 18.24 ? 21  ILE A CG1 1 
ATOM   191 C CG1 B ILE A 1 22 ? 0.548   -7.019  3.518  0.14 19.06 ? 21  ILE A CG1 1 
ATOM   192 C CG2 A ILE A 1 22 ? -1.481  -8.385  3.051  0.86 19.83 ? 21  ILE A CG2 1 
ATOM   193 C CG2 B ILE A 1 22 ? -1.457  -8.430  3.085  0.14 19.90 ? 21  ILE A CG2 1 
ATOM   194 C CD1 A ILE A 1 22 ? -0.027  -5.938  4.309  0.86 17.55 ? 21  ILE A CD1 1 
ATOM   195 C CD1 B ILE A 1 22 ? 0.791   -7.795  4.788  0.14 19.55 ? 21  ILE A CD1 1 
ATOM   196 N N   . LYS A 1 23 ? -0.201  -9.254  -0.404 1.00 24.90 ? 22  LYS A N   1 
ATOM   197 C CA  . LYS A 1 23 ? -0.914  -10.041 -1.420 1.00 26.72 ? 22  LYS A CA  1 
ATOM   198 C C   . LYS A 1 23 ? -0.244  -11.397 -1.629 1.00 29.77 ? 22  LYS A C   1 
ATOM   199 O O   . LYS A 1 23 ? -0.925  -12.417 -1.853 1.00 27.73 ? 22  LYS A O   1 
ATOM   200 C CB  . LYS A 1 23 ? -0.998  -9.271  -2.739 1.00 26.12 ? 22  LYS A CB  1 
ATOM   201 C CG  . LYS A 1 23 ? -2.047  -8.165  -2.730 1.00 27.33 ? 22  LYS A CG  1 
ATOM   202 C CD  . LYS A 1 23 ? -2.087  -7.407  -4.051 1.00 30.44 ? 22  LYS A CD  1 
ATOM   203 C CE  . LYS A 1 23 ? -3.174  -6.347  -4.032 1.00 38.39 ? 22  LYS A CE  1 
ATOM   204 N NZ  . LYS A 1 23 ? -3.315  -5.631  -5.328 1.00 46.56 ? 22  LYS A NZ  1 
ATOM   205 N N   . GLU A 1 24 ? 1.079   -11.431 -1.507 1.00 24.41 ? 23  GLU A N   1 
ATOM   206 C CA  . GLU A 1 24 ? 1.808   -12.688 -1.639 1.00 31.29 ? 23  GLU A CA  1 
ATOM   207 C C   . GLU A 1 24 ? 1.463   -13.631 -0.513 1.00 36.37 ? 23  GLU A C   1 
ATOM   208 O O   . GLU A 1 24 ? 1.390   -14.834 -0.724 1.00 29.26 ? 23  GLU A O   1 
ATOM   209 C CB  . GLU A 1 24 ? 3.314   -12.471 -1.656 1.00 22.47 ? 23  GLU A CB  1 
ATOM   210 C CG  . GLU A 1 24 ? 3.832   -11.806 -2.914 1.00 27.88 ? 23  GLU A CG  1 
ATOM   211 C CD  . GLU A 1 24 ? 5.337   -11.706 -2.924 1.00 41.11 ? 23  GLU A CD  1 
ATOM   212 O OE1 . GLU A 1 24 ? 5.982   -12.467 -2.176 1.00 52.98 ? 23  GLU A OE1 1 
ATOM   213 O OE2 . GLU A 1 24 ? 5.871   -10.855 -3.663 1.00 51.11 ? 23  GLU A OE2 1 
ATOM   214 N N   . ILE A 1 25 ? 1.269   -13.099 0.689  1.00 27.32 ? 24  ILE A N   1 
ATOM   215 C CA  . ILE A 1 25 ? 0.837   -13.944 1.799  1.00 30.11 ? 24  ILE A CA  1 
ATOM   216 C C   . ILE A 1 25 ? -0.555  -14.510 1.515  1.00 31.15 ? 24  ILE A C   1 
ATOM   217 O O   . ILE A 1 25 ? -0.804  -15.695 1.737  1.00 34.41 ? 24  ILE A O   1 
ATOM   218 C CB  . ILE A 1 25 ? 0.812   -13.177 3.132  1.00 29.05 ? 24  ILE A CB  1 
ATOM   219 C CG1 . ILE A 1 25 ? 2.238   -12.850 3.591  1.00 27.64 ? 24  ILE A CG1 1 
ATOM   220 C CG2 . ILE A 1 25 ? 0.096   -13.986 4.197  1.00 26.99 ? 24  ILE A CG2 1 
ATOM   221 C CD1 . ILE A 1 25 ? 2.290   -12.142 4.929  1.00 27.06 ? 24  ILE A CD1 1 
ATOM   222 N N   . ALA A 1 26 ? -1.454  -13.672 1.006  1.00 25.47 ? 25  ALA A N   1 
ATOM   223 C CA  . ALA A 1 26 ? -2.798  -14.145 0.678  1.00 29.94 ? 25  ALA A CA  1 
ATOM   224 C C   . ALA A 1 26 ? -2.717  -15.306 -0.306 1.00 39.81 ? 25  ALA A C   1 
ATOM   225 O O   . ALA A 1 26 ? -3.354  -16.350 -0.111 1.00 35.51 ? 25  ALA A O   1 
ATOM   226 C CB  . ALA A 1 26 ? -3.640  -13.029 0.109  1.00 25.78 ? 25  ALA A CB  1 
ATOM   227 N N   . GLN A 1 27 ? -1.913  -15.142 -1.351 1.00 29.05 ? 26  GLN A N   1 
ATOM   228 C CA  . GLN A 1 27 ? -1.812  -16.208 -2.356 1.00 35.61 ? 26  GLN A CA  1 
ATOM   229 C C   . GLN A 1 27 ? -1.153  -17.472 -1.796 1.00 34.52 ? 26  GLN A C   1 
ATOM   230 O O   . GLN A 1 27 ? -1.533  -18.599 -2.166 1.00 33.69 ? 26  GLN A O   1 
ATOM   231 C CB  . GLN A 1 27 ? -1.060  -15.717 -3.600 1.00 31.37 ? 26  GLN A CB  1 
ATOM   232 C CG  . GLN A 1 27 ? -1.800  -14.597 -4.350 1.00 41.48 ? 26  GLN A CG  1 
ATOM   233 C CD  . GLN A 1 27 ? -3.091  -15.075 -5.016 1.00 55.68 ? 26  GLN A CD  1 
ATOM   234 O OE1 . GLN A 1 27 ? -3.135  -16.145 -5.635 1.00 46.88 ? 26  GLN A OE1 1 
ATOM   235 N NE2 . GLN A 1 27 ? -4.153  -14.286 -4.877 1.00 39.46 ? 26  GLN A NE2 1 
ATOM   236 N N   . ALA A 1 28 ? -0.191  -17.302 -0.895 1.00 33.84 ? 27  ALA A N   1 
ATOM   237 C CA  . ALA A 1 28 ? 0.462   -18.456 -0.281 1.00 36.63 ? 27  ALA A CA  1 
ATOM   238 C C   . ALA A 1 28 ? -0.520  -19.219 0.595  1.00 42.33 ? 27  ALA A C   1 
ATOM   239 O O   . ALA A 1 28 ? -0.448  -20.444 0.688  1.00 34.69 ? 27  ALA A O   1 
ATOM   240 C CB  . ALA A 1 28 ? 1.672   -18.035 0.522  1.00 31.95 ? 27  ALA A CB  1 
ATOM   241 N N   . ILE A 1 29 ? -1.443  -18.506 1.236  1.00 35.43 ? 28  ILE A N   1 
ATOM   242 C CA  . ILE A 1 29 ? -2.486  -19.178 2.008  1.00 32.58 ? 28  ILE A CA  1 
ATOM   243 C C   . ILE A 1 29 ? -3.464  -19.900 1.078  1.00 37.94 ? 28  ILE A C   1 
ATOM   244 O O   . ILE A 1 29 ? -3.838  -21.051 1.338  1.00 37.70 ? 28  ILE A O   1 
ATOM   245 C CB  . ILE A 1 29 ? -3.250  -18.201 2.905  1.00 33.37 ? 28  ILE A CB  1 
ATOM   246 C CG1 . ILE A 1 29 ? -2.299  -17.596 3.935  1.00 35.40 ? 28  ILE A CG1 1 
ATOM   247 C CG2 . ILE A 1 29 ? -4.412  -18.902 3.611  1.00 32.66 ? 28  ILE A CG2 1 
ATOM   248 C CD1 . ILE A 1 29 ? -2.938  -16.533 4.787  1.00 39.21 ? 28  ILE A CD1 1 
ATOM   249 N N   . LYS A 1 30 ? -3.856  -19.244 -0.014 1.00 30.54 ? 29  LYS A N   1 
ATOM   250 C CA  . LYS A 1 30 ? -4.796  -19.862 -0.955 1.00 38.40 ? 29  LYS A CA  1 
ATOM   251 C C   . LYS A 1 30 ? -4.196  -21.118 -1.585 1.00 52.88 ? 29  LYS A C   1 
ATOM   252 O O   . LYS A 1 30 ? -4.929  -22.000 -2.040 1.00 44.02 ? 29  LYS A O   1 
ATOM   253 C CB  . LYS A 1 30 ? -5.222  -18.869 -2.043 1.00 32.51 ? 29  LYS A CB  1 
ATOM   254 C CG  . LYS A 1 30 ? -6.227  -17.823 -1.546 1.00 35.29 ? 29  LYS A CG  1 
ATOM   255 C CD  . LYS A 1 30 ? -6.609  -16.800 -2.620 1.00 37.67 ? 29  LYS A CD  1 
ATOM   256 C CE  . LYS A 1 30 ? -7.678  -15.829 -2.104 1.00 38.76 ? 29  LYS A CE  1 
ATOM   257 N NZ  . LYS A 1 30 ? -7.892  -14.656 -3.024 1.00 35.21 ? 29  LYS A NZ  1 
ATOM   258 N N   . GLY A 1 31 ? -2.867  -21.204 -1.593 1.00 42.80 ? 30  GLY A N   1 
ATOM   259 C CA  . GLY A 1 31 ? -2.179  -22.351 -2.162 1.00 48.67 ? 30  GLY A CA  1 
ATOM   260 C C   . GLY A 1 31 ? -1.710  -23.344 -1.113 1.00 54.06 ? 30  GLY A C   1 
ATOM   261 O O   . GLY A 1 31 ? -1.953  -23.146 0.077  1.00 57.78 ? 30  GLY A O   1 
HETATM 262 N N   . NH2 A 1 32 ? -1.028  -24.443 -1.506 1.00 67.79 ? 31  NH2 A N   1 
HETATM 263 C C   . ACE B 1 1  ? -1.979  21.257  -5.854 1.00 45.14 ? 0   ACE B C   1 
HETATM 264 O O   . ACE B 1 1  ? -1.234  21.413  -6.828 1.00 36.23 ? 0   ACE B O   1 
HETATM 265 C CH3 . ACE B 1 1  ? -3.467  21.156  -5.998 1.00 45.62 ? 0   ACE B CH3 1 
ATOM   266 N N   . GLY B 1 2  ? -1.554  21.403  -4.602 1.00 32.14 ? 1   GLY B N   1 
ATOM   267 C CA  . GLY B 1 2  ? -0.143  21.546  -4.284 1.00 29.10 ? 1   GLY B CA  1 
ATOM   268 C C   . GLY B 1 2  ? 0.584   20.219  -4.244 1.00 27.33 ? 1   GLY B C   1 
ATOM   269 O O   . GLY B 1 2  ? -0.026  19.179  -3.986 1.00 26.81 ? 1   GLY B O   1 
ATOM   270 N N   . GLU B 1 3  ? 1.891   20.253  -4.490 1.00 26.08 ? 2   GLU B N   1 
ATOM   271 C CA  . GLU B 1 3  ? 2.661   19.026  -4.603 1.00 25.21 ? 2   GLU B CA  1 
ATOM   272 C C   . GLU B 1 3  ? 2.711   18.278  -3.279 1.00 21.98 ? 2   GLU B C   1 
ATOM   273 O O   . GLU B 1 3  ? 2.671   17.055  -3.273 1.00 20.82 ? 2   GLU B O   1 
ATOM   274 C CB  . GLU B 1 3  ? 4.081   19.295  -5.093 1.00 32.07 ? 2   GLU B CB  1 
ATOM   275 C CG  . GLU B 1 3  ? 4.848   20.290  -4.266 1.00 26.42 ? 2   GLU B CG  1 
ATOM   276 C CD  . GLU B 1 3  ? 6.339   20.261  -4.567 1.00 40.79 ? 2   GLU B CD  1 
ATOM   277 O OE1 . GLU B 1 3  ? 7.090   20.976  -3.878 1.00 39.48 ? 2   GLU B OE1 1 
ATOM   278 O OE2 . GLU B 1 3  ? 6.763   19.519  -5.482 1.00 36.68 ? 2   GLU B OE2 1 
ATOM   279 N N   . ILE B 1 4  ? 2.804   18.986  -2.158 1.00 21.53 ? 3   ILE B N   1 
ATOM   280 C CA  A ILE B 1 4  ? 2.859   18.258  -0.895 0.67 22.08 ? 3   ILE B CA  1 
ATOM   281 C CA  B ILE B 1 4  ? 2.819   18.337  -0.844 0.33 22.07 ? 3   ILE B CA  1 
ATOM   282 C C   . ILE B 1 4  ? 1.499   17.622  -0.549 1.00 21.73 ? 3   ILE B C   1 
ATOM   283 O O   . ILE B 1 4  ? 1.481   16.454  -0.127 1.00 21.89 ? 3   ILE B O   1 
ATOM   284 C CB  A ILE B 1 4  ? 3.371   19.153  0.241  0.67 19.33 ? 3   ILE B CB  1 
ATOM   285 C CB  B ILE B 1 4  ? 3.103   19.349  0.282  0.33 20.05 ? 3   ILE B CB  1 
ATOM   286 C CG1 A ILE B 1 4  ? 4.859   19.427  0.010  0.67 17.18 ? 3   ILE B CG1 1 
ATOM   287 C CG1 B ILE B 1 4  ? 4.533   19.874  0.170  0.33 22.17 ? 3   ILE B CG1 1 
ATOM   288 C CG2 A ILE B 1 4  ? 3.206   18.466  1.579  0.67 22.00 ? 3   ILE B CG2 1 
ATOM   289 C CG2 B ILE B 1 4  ? 2.899   18.701  1.647  0.33 22.83 ? 3   ILE B CG2 1 
ATOM   290 C CD1 A ILE B 1 4  ? 5.485   20.331  1.036  0.67 24.50 ? 3   ILE B CD1 1 
ATOM   291 C CD1 B ILE B 1 4  ? 5.576   18.830  0.447  0.33 18.68 ? 3   ILE B CD1 1 
ATOM   292 N N   . ALA B 1 5  ? 0.380   18.317  -0.766 1.00 20.40 ? 4   ALA B N   1 
ATOM   293 C CA  . ALA B 1 5  ? -0.930  17.685  -0.554 1.00 19.39 ? 4   ALA B CA  1 
ATOM   294 C C   . ALA B 1 5  ? -1.109  16.442  -1.449 1.00 24.36 ? 4   ALA B C   1 
ATOM   295 O O   . ALA B 1 5  ? -1.596  15.411  -0.978 1.00 23.43 ? 4   ALA B O   1 
ATOM   296 C CB  . ALA B 1 5  ? -2.058  18.678  -0.791 1.00 22.79 ? 4   ALA B CB  1 
ATOM   297 N N   . GLN B 1 6  ? -0.719  16.548  -2.718 1.00 29.07 ? 5   GLN B N   1 
ATOM   298 C CA  A GLN B 1 6  ? -0.785  15.419  -3.629 0.55 27.68 ? 5   GLN B CA  1 
ATOM   299 C CA  B GLN B 1 6  ? -0.703  15.410  -3.637 0.45 27.68 ? 5   GLN B CA  1 
ATOM   300 C C   . GLN B 1 6  ? 0.074   14.242  -3.148 1.00 29.97 ? 5   GLN B C   1 
ATOM   301 O O   . GLN B 1 6  ? -0.391  13.104  -3.194 1.00 24.83 ? 5   GLN B O   1 
ATOM   302 C CB  A GLN B 1 6  ? -0.385  15.891  -5.027 0.55 27.76 ? 5   GLN B CB  1 
ATOM   303 C CB  B GLN B 1 6  ? -0.154  15.825  -4.984 0.45 27.67 ? 5   GLN B CB  1 
ATOM   304 C CG  A GLN B 1 6  ? -1.382  16.885  -5.623 0.55 33.20 ? 5   GLN B CG  1 
ATOM   305 C CG  B GLN B 1 6  ? 0.085   14.627  -5.906 0.45 40.25 ? 5   GLN B CG  1 
ATOM   306 C CD  A GLN B 1 6  ? -2.781  16.282  -5.748 0.55 46.95 ? 5   GLN B CD  1 
ATOM   307 C CD  B GLN B 1 6  ? 0.837   15.037  -7.190 0.45 41.78 ? 5   GLN B CD  1 
ATOM   308 O OE1 A GLN B 1 6  ? -3.807  16.892  -5.403 0.55 43.05 ? 5   GLN B OE1 1 
ATOM   309 O OE1 B GLN B 1 6  ? 0.636   14.431  -8.257 0.45 51.46 ? 5   GLN B OE1 1 
ATOM   310 N NE2 A GLN B 1 6  ? -2.819  15.052  -6.225 0.55 44.69 ? 5   GLN B NE2 1 
ATOM   311 N NE2 B GLN B 1 6  ? 1.459   16.229  -7.156 0.45 44.13 ? 5   GLN B NE2 1 
ATOM   312 N N   . ALA B 1 7  ? 1.278   14.522  -2.664 1.00 20.03 ? 6   ALA B N   1 
ATOM   313 C CA  . ALA B 1 7  ? 2.117   13.450  -2.150 1.00 20.80 ? 6   ALA B CA  1 
ATOM   314 C C   . ALA B 1 7  ? 1.457   12.773  -0.956 1.00 19.92 ? 6   ALA B C   1 
ATOM   315 O O   . ALA B 1 7  ? 1.486   11.543  -0.830 1.00 20.16 ? 6   ALA B O   1 
ATOM   316 C CB  . ALA B 1 7  ? 3.470   13.988  -1.770 1.00 18.45 ? 6   ALA B CB  1 
ATOM   317 N N   . ILE B 1 8  ? 0.880   13.582  -0.071 1.00 19.14 ? 7   ILE B N   1 
ATOM   318 C CA  . ILE B 1 8  ? 0.149   13.020  1.065  1.00 17.62 ? 7   ILE B CA  1 
ATOM   319 C C   . ILE B 1 8  ? -1.014  12.144  0.574  1.00 20.94 ? 7   ILE B C   1 
ATOM   320 O O   . ILE B 1 8  ? -1.244  11.047  1.102  1.00 19.92 ? 7   ILE B O   1 
ATOM   321 C CB  . ILE B 1 8  ? -0.361  14.121  2.000  1.00 23.87 ? 7   ILE B CB  1 
ATOM   322 C CG1 . ILE B 1 8  ? 0.823   14.834  2.646  1.00 20.83 ? 7   ILE B CG1 1 
ATOM   323 C CG2 . ILE B 1 8  ? -1.234  13.524  3.096  1.00 22.30 ? 7   ILE B CG2 1 
ATOM   324 C CD1 . ILE B 1 8  ? 0.454   16.089  3.423  1.00 24.26 ? 7   ILE B CD1 1 
ATOM   325 N N   . LYS B 1 9  ? -1.733  12.602  -0.445 1.00 20.87 ? 8   LYS B N   1 
ATOM   326 C CA  . LYS B 1 9  ? -2.812  11.792  -1.007 1.00 22.78 ? 8   LYS B CA  1 
ATOM   327 C C   . LYS B 1 9  ? -2.281  10.483  -1.584 1.00 23.75 ? 8   LYS B C   1 
ATOM   328 O O   . LYS B 1 9  ? -2.977  9.468   -1.553 1.00 24.32 ? 8   LYS B O   1 
ATOM   329 C CB  . LYS B 1 9  ? -3.576  12.557  -2.088 1.00 21.32 ? 8   LYS B CB  1 
ATOM   330 C CG  . LYS B 1 9  ? -4.575  13.583  -1.570 1.00 25.18 ? 8   LYS B CG  1 
ATOM   331 C CD  . LYS B 1 9  ? -5.241  14.266  -2.771 1.00 40.67 ? 8   LYS B CD  1 
ATOM   332 C CE  . LYS B 1 9  ? -6.096  15.438  -2.367 1.00 52.78 ? 8   LYS B CE  1 
ATOM   333 N NZ  . LYS B 1 9  ? -7.108  15.058  -1.349 1.00 57.21 ? 8   LYS B NZ  1 
ATOM   334 N N   . GLU B 1 10 ? -1.058  10.480  -2.114 1.00 18.16 ? 9   GLU B N   1 
ATOM   335 C CA  A GLU B 1 10 ? -0.476  9.251   -2.650 0.62 17.94 ? 9   GLU B CA  1 
ATOM   336 C CA  B GLU B 1 10 ? -0.498  9.248   -2.653 0.38 18.06 ? 9   GLU B CA  1 
ATOM   337 C C   . GLU B 1 10 ? -0.228  8.263   -1.524 1.00 24.10 ? 9   GLU B C   1 
ATOM   338 O O   . GLU B 1 10 ? -0.341  7.044   -1.712 1.00 19.89 ? 9   GLU B O   1 
ATOM   339 C CB  A GLU B 1 10 ? 0.825   9.527   -3.406 0.62 25.27 ? 9   GLU B CB  1 
ATOM   340 C CB  B GLU B 1 10 ? 0.775   9.522   -3.455 0.38 25.26 ? 9   GLU B CB  1 
ATOM   341 C CG  A GLU B 1 10 ? 0.619   10.269  -4.709 0.62 28.41 ? 9   GLU B CG  1 
ATOM   342 C CG  B GLU B 1 10 ? 0.499   10.190  -4.790 0.38 28.24 ? 9   GLU B CG  1 
ATOM   343 C CD  A GLU B 1 10 ? -0.285  9.519   -5.659 0.62 30.89 ? 9   GLU B CD  1 
ATOM   344 C CD  B GLU B 1 10 ? 1.735   10.316  -5.654 0.38 32.07 ? 9   GLU B CD  1 
ATOM   345 O OE1 A GLU B 1 10 ? -0.148  8.281   -5.763 0.62 34.21 ? 9   GLU B OE1 1 
ATOM   346 O OE1 B GLU B 1 10 ? 2.797   9.781   -5.266 0.38 29.24 ? 9   GLU B OE1 1 
ATOM   347 O OE2 A GLU B 1 10 ? -1.140  10.167  -6.296 0.62 33.82 ? 9   GLU B OE2 1 
ATOM   348 O OE2 B GLU B 1 10 ? 1.643   10.954  -6.724 0.38 29.72 ? 9   GLU B OE2 1 
ATOM   349 N N   . ILE B 1 11 ? 0.110   8.787   -0.353 1.00 20.22 ? 10  ILE B N   1 
ATOM   350 C CA  . ILE B 1 11 ? 0.242   7.923   0.809  1.00 23.90 ? 10  ILE B CA  1 
ATOM   351 C C   . ILE B 1 11 ? -1.108  7.299   1.158  1.00 19.89 ? 10  ILE B C   1 
ATOM   352 O O   . ILE B 1 11 ? -1.184  6.105   1.423  1.00 21.12 ? 10  ILE B O   1 
ATOM   353 C CB  . ILE B 1 11 ? 0.794   8.673   2.018  1.00 18.60 ? 10  ILE B CB  1 
ATOM   354 C CG1 . ILE B 1 11 ? 2.282   8.925   1.763  1.00 20.91 ? 10  ILE B CG1 1 
ATOM   355 C CG2 . ILE B 1 11 ? 0.626   7.829   3.298  1.00 18.57 ? 10  ILE B CG2 1 
ATOM   356 C CD1 . ILE B 1 11 ? 3.018   9.484   2.925  1.00 23.53 ? 10  ILE B CD1 1 
ATOM   357 N N   . ALA B 1 12 ? -2.174  8.096   1.150  1.00 19.28 ? 11  ALA B N   1 
ATOM   358 C CA  . ALA B 1 12 ? -3.486  7.546   1.491  1.00 19.18 ? 11  ALA B CA  1 
ATOM   359 C C   . ALA B 1 12 ? -3.876  6.432   0.504  1.00 22.27 ? 11  ALA B C   1 
ATOM   360 O O   . ALA B 1 12 ? -4.370  5.386   0.929  1.00 22.40 ? 11  ALA B O   1 
ATOM   361 C CB  . ALA B 1 12 ? -4.554  8.652   1.544  1.00 18.63 ? 11  ALA B CB  1 
ATOM   362 N N   . LYS B 1 13 ? -3.625  6.624   -0.795 1.00 19.73 ? 12  LYS B N   1 
ATOM   363 C CA  . LYS B 1 13 ? -3.973  5.585   -1.780 1.00 21.47 ? 12  LYS B CA  1 
ATOM   364 C C   . LYS B 1 13 ? -3.187  4.290   -1.560 1.00 24.10 ? 12  LYS B C   1 
ATOM   365 O O   . LYS B 1 13 ? -3.724  3.183   -1.746 1.00 23.21 ? 12  LYS B O   1 
ATOM   366 C CB  . LYS B 1 13 ? -3.760  6.084   -3.212 1.00 22.34 ? 12  LYS B CB  1 
ATOM   367 C CG  . LYS B 1 13 ? -4.743  7.178   -3.599 1.00 29.62 ? 12  LYS B CG  1 
ATOM   368 C CD  . LYS B 1 13 ? -4.685  7.527   -5.086 1.00 43.55 ? 12  LYS B CD  1 
ATOM   369 C CE  . LYS B 1 13 ? -3.261  7.737   -5.576 1.00 47.14 ? 12  LYS B CE  1 
ATOM   370 N NZ  . LYS B 1 13 ? -3.219  8.126   -7.012 0.00 42.79 ? 12  LYS B NZ  1 
ATOM   371 N N   . ALA B 1 14 ? -1.919  4.418   -1.173 1.00 18.73 ? 13  ALA B N   1 
ATOM   372 C CA  . ALA B 1 14 ? -1.100  3.250   -0.875 1.00 19.03 ? 13  ALA B CA  1 
ATOM   373 C C   . ALA B 1 14 ? -1.630  2.494   0.340  1.00 18.42 ? 13  ALA B C   1 
ATOM   374 O O   . ALA B 1 14 ? -1.627  1.242   0.374  1.00 20.63 ? 13  ALA B O   1 
ATOM   375 C CB  . ALA B 1 14 ? 0.331   3.653   -0.651 1.00 17.12 ? 13  ALA B CB  1 
ATOM   376 N N   . ILE B 1 15 ? -2.083  3.243   1.339  1.00 17.96 ? 14  ILE B N   1 
ATOM   377 C CA  . ILE B 1 15 ? -2.633  2.633   2.545  1.00 19.49 ? 14  ILE B CA  1 
ATOM   378 C C   . ILE B 1 15 ? -3.910  1.882   2.161  1.00 20.64 ? 14  ILE B C   1 
ATOM   379 O O   . ILE B 1 15 ? -4.159  0.783   2.646  1.00 20.13 ? 14  ILE B O   1 
ATOM   380 C CB  . ILE B 1 15 ? -2.887  3.690   3.636  1.00 18.50 ? 14  ILE B CB  1 
ATOM   381 C CG1 . ILE B 1 15 ? -1.555  4.308   4.060  1.00 19.68 ? 14  ILE B CG1 1 
ATOM   382 C CG2 . ILE B 1 15 ? -3.574  3.091   4.872  1.00 17.52 ? 14  ILE B CG2 1 
ATOM   383 C CD1 . ILE B 1 15 ? -1.715  5.532   5.012  1.00 17.54 ? 14  ILE B CD1 1 
ATOM   384 N N   . LYS B 1 16 ? -4.687  2.451   1.248  1.00 20.25 ? 15  LYS B N   1 
ATOM   385 C CA  . LYS B 1 16 ? -5.869  1.736   0.751  1.00 21.89 ? 15  LYS B CA  1 
ATOM   386 C C   . LYS B 1 16 ? -5.495  0.418   0.076  1.00 21.07 ? 15  LYS B C   1 
ATOM   387 O O   . LYS B 1 16 ? -6.251  -0.558  0.152  1.00 20.68 ? 15  LYS B O   1 
ATOM   388 C CB  . LYS B 1 16 ? -6.662  2.612   -0.218 1.00 23.75 ? 15  LYS B CB  1 
ATOM   389 C CG  . LYS B 1 16 ? -7.442  3.711   0.477  1.00 27.69 ? 15  LYS B CG  1 
ATOM   390 C CD  . LYS B 1 16 ? -8.133  4.614   -0.532 1.00 33.00 ? 15  LYS B CD  1 
ATOM   391 C CE  . LYS B 1 16 ? -9.165  3.848   -1.334 1.00 33.68 ? 15  LYS B CE  1 
ATOM   392 N NZ  . LYS B 1 16 ? -10.379 3.573   -0.522 1.00 35.90 ? 15  LYS B NZ  1 
ATOM   393 N N   . GLU B 1 17 ? -4.348  0.369   -0.594 1.00 18.22 ? 16  GLU B N   1 
ATOM   394 C CA  A GLU B 1 17 ? -3.886  -0.872  -1.216 0.65 22.13 ? 16  GLU B CA  1 
ATOM   395 C CA  B GLU B 1 17 ? -3.922  -0.877  -1.211 0.35 22.19 ? 16  GLU B CA  1 
ATOM   396 C C   . GLU B 1 17 ? -3.575  -1.900  -0.142 1.00 25.26 ? 16  GLU B C   1 
ATOM   397 O O   . GLU B 1 17 ? -3.825  -3.085  -0.319 1.00 21.00 ? 16  GLU B O   1 
ATOM   398 C CB  A GLU B 1 17 ? -2.649  -0.646  -2.087 0.65 24.05 ? 16  GLU B CB  1 
ATOM   399 C CB  B GLU B 1 17 ? -2.740  -0.651  -2.142 0.35 24.02 ? 16  GLU B CB  1 
ATOM   400 C CG  A GLU B 1 17 ? -2.903  0.149   -3.369 0.65 23.76 ? 16  GLU B CG  1 
ATOM   401 C CG  B GLU B 1 17 ? -3.044  0.342   -3.246 0.35 23.16 ? 16  GLU B CG  1 
ATOM   402 C CD  A GLU B 1 17 ? -3.792  -0.595  -4.345 0.65 23.60 ? 16  GLU B CD  1 
ATOM   403 C CD  B GLU B 1 17 ? -2.060  0.255   -4.387 0.35 27.36 ? 16  GLU B CD  1 
ATOM   404 O OE1 A GLU B 1 17 ? -4.894  -0.097  -4.613 0.65 28.77 ? 16  GLU B OE1 1 
ATOM   405 O OE1 B GLU B 1 17 ? -1.344  -0.765  -4.483 0.35 31.59 ? 16  GLU B OE1 1 
ATOM   406 O OE2 A GLU B 1 17 ? -3.393  -1.675  -4.839 0.65 34.75 ? 16  GLU B OE2 1 
ATOM   407 O OE2 B GLU B 1 17 ? -2.008  1.208   -5.191 0.35 35.36 ? 16  GLU B OE2 1 
ATOM   408 N N   . ILE B 1 18 ? -3.015  -1.444  0.974  1.00 17.26 ? 17  ILE B N   1 
ATOM   409 C CA  . ILE B 1 18 ? -2.751  -2.379  2.062  1.00 20.01 ? 17  ILE B CA  1 
ATOM   410 C C   . ILE B 1 18 ? -4.075  -2.941  2.603  1.00 21.84 ? 17  ILE B C   1 
ATOM   411 O O   . ILE B 1 18 ? -4.177  -4.154  2.837  1.00 21.36 ? 17  ILE B O   1 
ATOM   412 C CB  . ILE B 1 18 ? -1.944  -1.727  3.194  1.00 21.54 ? 17  ILE B CB  1 
ATOM   413 C CG1 . ILE B 1 18 ? -0.508  -1.484  2.725  1.00 19.73 ? 17  ILE B CG1 1 
ATOM   414 C CG2 . ILE B 1 18 ? -1.913  -2.620  4.421  1.00 20.55 ? 17  ILE B CG2 1 
ATOM   415 C CD1 . ILE B 1 18 ? 0.349   -0.868  3.791  1.00 17.45 ? 17  ILE B CD1 1 
ATOM   416 N N   . ALA B 1 19 ? -5.087  -2.088  2.768  1.00 19.08 ? 18  ALA B N   1 
ATOM   417 C CA  . ALA B 1 19 ? -6.381  -2.569  3.276  1.00 18.77 ? 18  ALA B CA  1 
ATOM   418 C C   . ALA B 1 19 ? -6.954  -3.646  2.357  1.00 25.30 ? 18  ALA B C   1 
ATOM   419 O O   . ALA B 1 19 ? -7.440  -4.672  2.824  1.00 21.93 ? 18  ALA B O   1 
ATOM   420 C CB  . ALA B 1 19 ? -7.375  -1.423  3.434  1.00 17.52 ? 18  ALA B CB  1 
ATOM   421 N N   . TRP B 1 20 ? -6.871  -3.421  1.050  1.00 22.20 ? 19  TRP B N   1 
ATOM   422 C CA  . TRP B 1 20 ? -7.364  -4.400  0.076  1.00 22.40 ? 19  TRP B CA  1 
ATOM   423 C C   . TRP B 1 20 ? -6.639  -5.734  0.186  1.00 24.49 ? 19  TRP B C   1 
ATOM   424 O O   . TRP B 1 20 ? -7.267  -6.809  0.126  1.00 25.67 ? 19  TRP B O   1 
ATOM   425 C CB  . TRP B 1 20 ? -7.224  -3.850  -1.342 1.00 17.42 ? 19  TRP B CB  1 
ATOM   426 C CG  . TRP B 1 20 ? -7.870  -4.728  -2.382 1.00 26.48 ? 19  TRP B CG  1 
ATOM   427 C CD1 . TRP B 1 20 ? -7.245  -5.565  -3.265 1.00 28.87 ? 19  TRP B CD1 1 
ATOM   428 C CD2 . TRP B 1 20 ? -9.286  -4.872  -2.610 1.00 31.44 ? 19  TRP B CD2 1 
ATOM   429 N NE1 . TRP B 1 20 ? -8.191  -6.216  -4.039 1.00 24.38 ? 19  TRP B NE1 1 
ATOM   430 C CE2 . TRP B 1 20 ? -9.427  -5.815  -3.662 1.00 28.67 ? 19  TRP B CE2 1 
ATOM   431 C CE3 . TRP B 1 20 ? -10.421 -4.306  -2.037 1.00 33.87 ? 19  TRP B CE3 1 
ATOM   432 C CZ2 . TRP B 1 20 ? -10.696 -6.184  -4.140 1.00 32.24 ? 19  TRP B CZ2 1 
ATOM   433 C CZ3 . TRP B 1 20 ? -11.667 -4.676  -2.518 1.00 37.57 ? 19  TRP B CZ3 1 
ATOM   434 C CH2 . TRP B 1 20 ? -11.793 -5.606  -3.560 1.00 30.15 ? 19  TRP B CH2 1 
ATOM   435 N N   . ALA B 1 21 ? -5.319  -5.678  0.352  1.00 18.30 ? 20  ALA B N   1 
ATOM   436 C CA  . ALA B 1 21 ? -4.511  -6.896  0.484  1.00 21.24 ? 20  ALA B CA  1 
ATOM   437 C C   . ALA B 1 21 ? -4.863  -7.651  1.752  1.00 22.41 ? 20  ALA B C   1 
ATOM   438 O O   . ALA B 1 21 ? -4.931  -8.881  1.753  1.00 23.71 ? 20  ALA B O   1 
ATOM   439 C CB  . ALA B 1 21 ? -3.034  -6.562  0.477  1.00 19.91 ? 20  ALA B CB  1 
ATOM   440 N N   . ILE B 1 22 ? -5.098  -6.913  2.834  1.00 20.75 ? 21  ILE B N   1 
ATOM   441 C CA  . ILE B 1 22 ? -5.528  -7.546  4.080  1.00 21.01 ? 21  ILE B CA  1 
ATOM   442 C C   . ILE B 1 22 ? -6.901  -8.197  3.878  1.00 23.37 ? 21  ILE B C   1 
ATOM   443 O O   . ILE B 1 22 ? -7.172  -9.289  4.395  1.00 28.93 ? 21  ILE B O   1 
ATOM   444 C CB  . ILE B 1 22 ? -5.557  -6.539  5.246  1.00 21.48 ? 21  ILE B CB  1 
ATOM   445 C CG1 . ILE B 1 22 ? -4.131  -6.095  5.569  1.00 23.18 ? 21  ILE B CG1 1 
ATOM   446 C CG2 . ILE B 1 22 ? -6.193  -7.160  6.504  1.00 19.81 ? 21  ILE B CG2 1 
ATOM   447 C CD1 . ILE B 1 22 ? -4.057  -4.918  6.530  1.00 18.47 ? 21  ILE B CD1 1 
ATOM   448 N N   . LYS B 1 23 ? -7.755  -7.563  3.085  1.00 20.85 ? 22  LYS B N   1 
ATOM   449 C CA  . LYS B 1 23 ? -9.059  -8.168  2.777  1.00 28.39 ? 22  LYS B CA  1 
ATOM   450 C C   . LYS B 1 23 ? -8.866  -9.509  2.084  1.00 31.62 ? 22  LYS B C   1 
ATOM   451 O O   . LYS B 1 23 ? -9.629  -10.463 2.307  1.00 30.70 ? 22  LYS B O   1 
ATOM   452 C CB  . LYS B 1 23 ? -9.905  -7.243  1.893  1.00 28.57 ? 22  LYS B CB  1 
ATOM   453 C CG  . LYS B 1 23 ? -10.733 -6.228  2.644  1.00 29.81 ? 22  LYS B CG  1 
ATOM   454 C CD  . LYS B 1 23 ? -11.327 -5.193  1.696  1.00 44.98 ? 22  LYS B CD  1 
ATOM   455 C CE  . LYS B 1 23 ? -12.501 -5.753  0.915  1.00 52.15 ? 22  LYS B CE  1 
ATOM   456 N NZ  . LYS B 1 23 ? -13.718 -5.903  1.758  1.00 55.58 ? 22  LYS B NZ  1 
ATOM   457 N N   . GLU B 1 24 ? -7.843  -9.609  1.248  1.00 25.41 ? 23  GLU B N   1 
ATOM   458 C CA  A GLU B 1 24 ? -7.568  -10.842 0.520  0.55 30.22 ? 23  GLU B CA  1 
ATOM   459 C CA  B GLU B 1 24 ? -7.659  -10.857 0.535  0.45 30.20 ? 23  GLU B CA  1 
ATOM   460 C C   . GLU B 1 24 ? -7.183  -11.955 1.480  1.00 36.79 ? 23  GLU B C   1 
ATOM   461 O O   . GLU B 1 24 ? -7.524  -13.127 1.287  1.00 35.13 ? 23  GLU B O   1 
ATOM   462 C CB  A GLU B 1 24 ? -6.449  -10.635 -0.501 0.55 32.60 ? 23  GLU B CB  1 
ATOM   463 C CB  B GLU B 1 24 ? -6.688  -10.703 -0.626 0.45 32.81 ? 23  GLU B CB  1 
ATOM   464 C CG  A GLU B 1 24 ? -6.746  -9.571  -1.534 0.55 33.86 ? 23  GLU B CG  1 
ATOM   465 C CG  B GLU B 1 24 ? -6.893  -11.791 -1.656 0.45 30.80 ? 23  GLU B CG  1 
ATOM   466 C CD  A GLU B 1 24 ? -5.820  -9.629  -2.734 0.55 34.66 ? 23  GLU B CD  1 
ATOM   467 C CD  B GLU B 1 24 ? -5.932  -11.705 -2.806 0.45 31.13 ? 23  GLU B CD  1 
ATOM   468 O OE1 A GLU B 1 24 ? -4.981  -10.553 -2.792 0.55 32.25 ? 23  GLU B OE1 1 
ATOM   469 O OE1 B GLU B 1 24 ? -5.199  -10.697 -2.899 0.45 32.29 ? 23  GLU B OE1 1 
ATOM   470 O OE2 A GLU B 1 24 ? -5.939  -8.750  -3.619 0.55 32.14 ? 23  GLU B OE2 1 
ATOM   471 O OE2 B GLU B 1 24 ? -5.907  -12.654 -3.613 0.45 27.52 ? 23  GLU B OE2 1 
ATOM   472 N N   . ILE B 1 25 ? -6.430  -11.585 2.507  1.00 29.15 ? 24  ILE B N   1 
ATOM   473 C CA  A ILE B 1 25 ? -6.037  -12.572 3.499  0.62 28.78 ? 24  ILE B CA  1 
ATOM   474 C CA  B ILE B 1 25 ? -6.031  -12.511 3.564  0.38 28.76 ? 24  ILE B CA  1 
ATOM   475 C C   . ILE B 1 25 ? -7.264  -13.112 4.229  1.00 31.58 ? 24  ILE B C   1 
ATOM   476 O O   . ILE B 1 25 ? -7.334  -14.308 4.509  1.00 33.70 ? 24  ILE B O   1 
ATOM   477 C CB  A ILE B 1 25 ? -5.019  -11.993 4.484  0.62 25.25 ? 24  ILE B CB  1 
ATOM   478 C CB  B ILE B 1 25 ? -5.180  -11.812 4.645  0.38 25.77 ? 24  ILE B CB  1 
ATOM   479 C CG1 A ILE B 1 25 ? -3.662  -11.883 3.782  0.62 26.01 ? 24  ILE B CG1 1 
ATOM   480 C CG1 B ILE B 1 25 ? -4.040  -11.004 4.014  0.38 26.67 ? 24  ILE B CG1 1 
ATOM   481 C CG2 A ILE B 1 25 ? -4.916  -12.855 5.745  0.62 27.14 ? 24  ILE B CG2 1 
ATOM   482 C CG2 B ILE B 1 25 ? -4.652  -12.827 5.656  0.38 27.91 ? 24  ILE B CG2 1 
ATOM   483 C CD1 A ILE B 1 25 ? -2.533  -11.456 4.679  0.62 26.12 ? 24  ILE B CD1 1 
ATOM   484 C CD1 B ILE B 1 25 ? -2.927  -11.846 3.453  0.38 26.18 ? 24  ILE B CD1 1 
ATOM   485 N N   . ALA B 1 26 ? -8.243  -12.256 4.498  1.00 24.58 ? 25  ALA B N   1 
ATOM   486 C CA  . ALA B 1 26 ? -9.476  -12.726 5.125  1.00 30.32 ? 25  ALA B CA  1 
ATOM   487 C C   . ALA B 1 26 ? -10.163 -13.740 4.211  1.00 34.04 ? 25  ALA B C   1 
ATOM   488 O O   . ALA B 1 26 ? -10.623 -14.784 4.670  1.00 31.79 ? 25  ALA B O   1 
ATOM   489 C CB  . ALA B 1 26 ? -10.408 -11.562 5.444  1.00 29.15 ? 25  ALA B CB  1 
ATOM   490 N N   . GLN B 1 27 ? -10.225 -13.432 2.918  1.00 30.72 ? 26  GLN B N   1 
ATOM   491 C CA  . GLN B 1 27 ? -10.808 -14.363 1.942  1.00 27.61 ? 26  GLN B CA  1 
ATOM   492 C C   . GLN B 1 27 ? -10.064 -15.688 1.928  1.00 32.63 ? 26  GLN B C   1 
ATOM   493 O O   . GLN B 1 27 ? -10.682 -16.755 1.840  1.00 31.84 ? 26  GLN B O   1 
ATOM   494 C CB  . GLN B 1 27 ? -10.791 -13.763 0.533  1.00 33.71 ? 26  GLN B CB  1 
ATOM   495 C CG  . GLN B 1 27 ? -11.713 -12.580 0.330  1.00 41.37 ? 26  GLN B CG  1 
ATOM   496 C CD  . GLN B 1 27 ? -13.160 -12.996 0.178  1.00 62.20 ? 26  GLN B CD  1 
ATOM   497 O OE1 . GLN B 1 27 ? -13.477 -13.929 -0.565 1.00 71.65 ? 26  GLN B OE1 1 
ATOM   498 N NE2 . GLN B 1 27 ? -14.049 -12.311 0.888  1.00 66.40 ? 26  GLN B NE2 1 
ATOM   499 N N   . ALA B 1 28 ? -8.737  -15.619 1.989  1.00 32.43 ? 27  ALA B N   1 
ATOM   500 C CA  . ALA B 1 28 ? -7.905  -16.816 1.958  1.00 35.91 ? 27  ALA B CA  1 
ATOM   501 C C   . ALA B 1 28 ? -8.171  -17.692 3.170  1.00 39.68 ? 27  ALA B C   1 
ATOM   502 O O   . ALA B 1 28 ? -8.329  -18.908 3.044  1.00 38.22 ? 27  ALA B O   1 
ATOM   503 C CB  . ALA B 1 28 ? -6.431  -16.438 1.885  1.00 32.64 ? 27  ALA B CB  1 
ATOM   504 N N   . ILE B 1 29 ? -8.224  -17.082 4.348  1.00 34.99 ? 28  ILE B N   1 
ATOM   505 C CA  A ILE B 1 29 ? -8.500  -17.826 5.570  0.23 34.18 ? 28  ILE B CA  1 
ATOM   506 C CA  B ILE B 1 29 ? -8.504  -17.820 5.574  0.14 34.20 ? 28  ILE B CA  1 
ATOM   507 C CA  C ILE B 1 29 ? -8.502  -17.823 5.572  0.63 34.11 ? 28  ILE B CA  1 
ATOM   508 C C   . ILE B 1 29 ? -9.883  -18.468 5.513  1.00 37.59 ? 28  ILE B C   1 
ATOM   509 O O   . ILE B 1 29 ? -10.033 -19.666 5.773  1.00 42.30 ? 28  ILE B O   1 
ATOM   510 C CB  A ILE B 1 29 ? -8.404  -16.928 6.816  0.23 34.25 ? 28  ILE B CB  1 
ATOM   511 C CB  B ILE B 1 29 ? -8.424  -16.910 6.814  0.14 34.25 ? 28  ILE B CB  1 
ATOM   512 C CB  C ILE B 1 29 ? -8.418  -16.922 6.816  0.63 34.28 ? 28  ILE B CB  1 
ATOM   513 C CG1 A ILE B 1 29 ? -6.981  -16.388 6.973  0.23 34.76 ? 28  ILE B CG1 1 
ATOM   514 C CG1 B ILE B 1 29 ? -7.004  -16.366 6.985  0.14 34.73 ? 28  ILE B CG1 1 
ATOM   515 C CG1 C ILE B 1 29 ? -6.972  -16.496 7.074  0.63 34.79 ? 28  ILE B CG1 1 
ATOM   516 C CG2 A ILE B 1 29 ? -8.825  -17.696 8.062  0.23 32.79 ? 28  ILE B CG2 1 
ATOM   517 C CG2 B ILE B 1 29 ? -8.858  -17.669 8.061  0.14 32.78 ? 28  ILE B CG2 1 
ATOM   518 C CG2 C ILE B 1 29 ? -8.990  -17.638 8.035  0.63 32.44 ? 28  ILE B CG2 1 
ATOM   519 C CD1 A ILE B 1 29 ? -5.922  -17.464 7.018  0.23 34.22 ? 28  ILE B CD1 1 
ATOM   520 C CD1 B ILE B 1 29 ? -5.962  -17.436 7.209  0.14 34.22 ? 28  ILE B CD1 1 
ATOM   521 C CD1 C ILE B 1 29 ? -6.838  -15.437 8.160  0.63 26.74 ? 28  ILE B CD1 1 
ATOM   522 N N   . LYS B 1 30 ? -10.893 -17.676 5.157  1.00 36.31 ? 29  LYS B N   1 
ATOM   523 C CA  . LYS B 1 30 ? -12.272 -18.172 5.098  1.00 34.69 ? 29  LYS B CA  1 
ATOM   524 C C   . LYS B 1 30 ? -12.425 -19.335 4.109  1.00 52.85 ? 29  LYS B C   1 
ATOM   525 O O   . LYS B 1 30 ? -13.188 -20.272 4.358  1.00 46.93 ? 29  LYS B O   1 
ATOM   526 C CB  . LYS B 1 30 ? -13.227 -17.025 4.744  1.00 41.34 ? 29  LYS B CB  1 
ATOM   527 C CG  . LYS B 1 30 ? -14.475 -17.436 3.991  1.00 38.23 ? 29  LYS B CG  1 
ATOM   528 C CD  . LYS B 1 30 ? -15.623 -16.474 4.235  0.00 46.31 ? 29  LYS B CD  1 
ATOM   529 C CE  . LYS B 1 30 ? -16.892 -16.954 3.546  0.00 49.57 ? 29  LYS B CE  1 
ATOM   530 N NZ  . LYS B 1 30 ? -16.782 -18.369 3.092  0.00 50.11 ? 29  LYS B NZ  1 
ATOM   531 N N   . GLY B 1 31 ? -11.687 -19.285 3.004  1.00 41.91 ? 30  GLY B N   1 
ATOM   532 C CA  . GLY B 1 31 ? -11.721 -20.343 2.005  1.00 44.32 ? 30  GLY B CA  1 
ATOM   533 C C   . GLY B 1 31 ? -10.847 -21.521 2.397  1.00 55.42 ? 30  GLY B C   1 
ATOM   534 O O   . GLY B 1 31 ? -10.347 -21.566 3.518  1.00 53.20 ? 30  GLY B O   1 
HETATM 535 N N   . NH2 B 1 32 ? -10.632 -22.507 1.499  1.00 55.17 ? 31  NH2 B N   1 
HETATM 536 C C1  . GOL C 2 .  ? -0.042  -13.037 12.357 0.38 59.90 ? 101 GOL B C1  1 
HETATM 537 O O1  . GOL C 2 .  ? 1.229   -13.636 12.226 0.38 57.11 ? 101 GOL B O1  1 
HETATM 538 C C2  . GOL C 2 .  ? -0.666  -12.825 10.979 0.38 61.25 ? 101 GOL B C2  1 
HETATM 539 O O2  . GOL C 2 .  ? 0.090   -13.502 9.997  0.38 61.79 ? 101 GOL B O2  1 
HETATM 540 C C3  . GOL C 2 .  ? -2.103  -13.343 10.980 0.38 60.53 ? 101 GOL B C3  1 
HETATM 541 O O3  . GOL C 2 .  ? -2.625  -13.321 9.669  0.38 56.77 ? 101 GOL B O3  1 
HETATM 542 O O   . HOH D 3 .  ? 13.936  6.544   0.054  1.00 33.80 ? 101 HOH A O   1 
HETATM 543 O O   . HOH D 3 .  ? 3.412   15.627  -5.361 1.00 33.86 ? 102 HOH A O   1 
HETATM 544 O O   . HOH D 3 .  ? 13.399  10.596  -5.370 1.00 58.29 ? 103 HOH A O   1 
HETATM 545 O O   . HOH D 3 .  ? 10.093  10.143  -5.151 1.00 35.79 ? 104 HOH A O   1 
HETATM 546 O O   . HOH D 3 .  ? 8.066   -13.662 -1.735 1.00 40.49 ? 105 HOH A O   1 
HETATM 547 O O   . HOH D 3 .  ? 13.754  14.396  -1.839 1.00 33.18 ? 106 HOH A O   1 
HETATM 548 O O   . HOH D 3 .  ? 13.377  21.573  1.243  1.00 25.94 ? 107 HOH A O   1 
HETATM 549 O O   . HOH D 3 .  ? 2.779   -16.024 -2.600 1.00 43.63 ? 108 HOH A O   1 
HETATM 550 O O   . HOH D 3 .  ? 10.419  4.032   -1.692 1.00 28.61 ? 109 HOH A O   1 
HETATM 551 O O   . HOH D 3 .  ? 6.043   0.822   -5.140 1.00 32.01 ? 110 HOH A O   1 
HETATM 552 O O   . HOH D 3 .  ? 14.811  19.095  3.688  1.00 20.24 ? 111 HOH A O   1 
HETATM 553 O O   . HOH D 3 .  ? -1.634  -19.646 -4.738 1.00 42.58 ? 112 HOH A O   1 
HETATM 554 O O   . HOH D 3 .  ? 4.518   -9.077  -5.323 1.00 53.24 ? 113 HOH A O   1 
HETATM 555 O O   . HOH D 3 .  ? 2.186   -9.705  -4.862 1.00 36.73 ? 114 HOH A O   1 
HETATM 556 O O   . HOH D 3 .  ? 7.001   -6.191  -1.895 1.00 29.23 ? 115 HOH A O   1 
HETATM 557 O O   . HOH D 3 .  ? 13.825  18.453  -5.647 1.00 54.23 ? 116 HOH A O   1 
HETATM 558 O O   . HOH D 3 .  ? 8.244   0.703   -5.575 1.00 58.24 ? 117 HOH A O   1 
HETATM 559 O O   . HOH D 3 .  ? 16.037  6.960   -1.446 1.00 43.92 ? 118 HOH A O   1 
HETATM 560 O O   . HOH D 3 .  ? 14.228  20.264  -3.895 1.00 42.70 ? 119 HOH A O   1 
HETATM 561 O O   . HOH D 3 .  ? 16.680  20.554  -2.309 1.00 43.89 ? 120 HOH A O   1 
HETATM 562 O O   . HOH D 3 .  ? -10.247 -12.883 -2.433 1.00 34.53 ? 121 HOH A O   1 
HETATM 563 O O   . HOH D 3 .  ? -7.250  -21.950 -4.026 1.00 48.06 ? 122 HOH A O   1 
HETATM 564 O O   . HOH D 3 .  ? 1.505   -21.763 -1.351 1.00 55.07 ? 123 HOH A O   1 
HETATM 565 O O   . HOH D 3 .  ? 10.193  1.907   -3.542 1.00 41.39 ? 124 HOH A O   1 
HETATM 566 O O   . HOH D 3 .  ? 2.815   5.833   -4.956 1.00 42.89 ? 125 HOH A O   1 
HETATM 567 O O   . HOH D 3 .  ? -2.180  -22.562 3.778  1.00 52.70 ? 126 HOH A O   1 
HETATM 568 O O   . HOH D 3 .  ? 13.102  4.454   -0.820 1.00 37.23 ? 127 HOH A O   1 
HETATM 569 O O   . HOH D 3 .  ? 0.663   -11.868 -5.223 1.00 46.78 ? 128 HOH A O   1 
HETATM 570 O O   . HOH D 3 .  ? 1.308   -20.689 -3.549 1.00 56.59 ? 129 HOH A O   1 
HETATM 571 O O   . HOH D 3 .  ? 1.998   -18.292 -3.960 1.00 43.29 ? 130 HOH A O   1 
HETATM 572 O O   . HOH D 3 .  ? 1.073   -6.886  -6.954 1.00 45.11 ? 131 HOH A O   1 
HETATM 573 O O   . HOH D 3 .  ? 12.841  21.445  4.680  0.50 33.18 ? 132 HOH A O   1 
HETATM 574 O O   . HOH D 3 .  ? 1.910   -14.137 -5.497 1.00 48.30 ? 133 HOH A O   1 
HETATM 575 O O   . HOH D 3 .  ? -1.157  -21.596 5.592  1.00 50.59 ? 134 HOH A O   1 
HETATM 576 O O   . HOH D 3 .  ? 7.451   22.244  2.731  0.50 50.59 ? 135 HOH A O   1 
HETATM 577 O O   . HOH D 3 .  ? 10.913  21.854  5.677  0.50 45.91 ? 136 HOH A O   1 
HETATM 578 O O   . HOH D 3 .  ? 1.307   -2.212  10.205 0.25 50.16 ? 137 HOH A O   1 
HETATM 579 O O   . HOH D 3 .  ? 1.868   1.005   9.971  0.25 30.99 ? 138 HOH A O   1 
HETATM 580 O O   . HOH E 3 .  ? 4.024   8.003   -4.966 1.00 33.20 ? 201 HOH B O   1 
HETATM 581 O O   . HOH E 3 .  ? -1.461  0.632   -7.260 1.00 43.55 ? 202 HOH B O   1 
HETATM 582 O O   . HOH E 3 .  ? -1.106  3.384   -5.094 1.00 47.64 ? 203 HOH B O   1 
HETATM 583 O O   . HOH E 3 .  ? -1.142  -3.077  -4.905 1.00 43.54 ? 204 HOH B O   1 
HETATM 584 O O   . HOH E 3 .  ? -7.743  -20.192 1.065  1.00 43.81 ? 205 HOH B O   1 
HETATM 585 O O   . HOH E 3 .  ? -0.780  6.817   -7.603 1.00 55.91 ? 206 HOH B O   1 
HETATM 586 O O   . HOH E 3 .  ? -2.139  12.306  -5.680 1.00 46.75 ? 207 HOH B O   1 
HETATM 587 O O   . HOH E 3 .  ? -0.314  12.176  -7.618 1.00 52.04 ? 208 HOH B O   1 
HETATM 588 O O   . HOH E 3 .  ? 6.126   22.509  -2.157 1.00 25.60 ? 209 HOH B O   1 
HETATM 589 O O   . HOH E 3 .  ? -12.546 -14.505 -2.892 1.00 25.36 ? 210 HOH B O   1 
HETATM 590 O O   . HOH E 3 .  ? 0.175   18.308  -8.119 1.00 65.50 ? 211 HOH B O   1 
HETATM 591 O O   . HOH E 3 .  ? -5.361  2.411   -3.894 1.00 29.65 ? 212 HOH B O   1 
HETATM 592 O O   . HOH E 3 .  ? -3.832  2.966   -5.992 1.00 41.63 ? 213 HOH B O   1 
HETATM 593 O O   . HOH E 3 .  ? -8.976  -0.623  0.027  1.00 31.78 ? 214 HOH B O   1 
HETATM 594 O O   . HOH E 3 .  ? -4.687  18.829  -3.608 1.00 55.11 ? 215 HOH B O   1 
HETATM 595 O O   . HOH E 3 .  ? 0.110   5.809   -4.205 1.00 30.76 ? 216 HOH B O   1 
HETATM 596 O O   . HOH E 3 .  ? 8.564   19.774  -1.721 1.00 22.39 ? 217 HOH B O   1 
HETATM 597 O O   . HOH E 3 .  ? 1.327   20.840  -8.047 1.00 55.59 ? 218 HOH B O   1 
HETATM 598 O O   . HOH E 3 .  ? -12.694 -17.537 -0.299 1.00 47.65 ? 219 HOH B O   1 
HETATM 599 O O   . HOH E 3 .  ? -14.449 -20.858 7.151  1.00 54.48 ? 220 HOH B O   1 
HETATM 600 O O   . HOH E 3 .  ? -15.793 -10.947 -1.615 1.00 49.57 ? 221 HOH B O   1 
HETATM 601 O O   . HOH E 3 .  ? -7.928  1.453   -4.166 1.00 44.45 ? 222 HOH B O   1 
HETATM 602 O O   . HOH E 3 .  ? -10.532 -2.158  0.962  1.00 38.25 ? 223 HOH B O   1 
HETATM 603 O O   . HOH E 3 .  ? 1.139   -9.615  10.477 0.97 50.53 ? 224 HOH B O   1 
HETATM 604 O O   . HOH E 3 .  ? 8.189   21.943  0.353  0.50 42.64 ? 225 HOH B O   1 
HETATM 605 O O   . HOH E 3 .  ? -8.557  6.769   -3.172 1.00 35.79 ? 226 HOH B O   1 
HETATM 606 O O   . HOH E 3 .  ? -11.612 -19.302 -2.126 1.00 48.14 ? 227 HOH B O   1 
HETATM 607 O O   . HOH E 3 .  ? 3.279   12.560  7.204  1.00 65.13 ? 228 HOH B O   1 
HETATM 608 O O   . HOH E 3 .  ? 0.891   -4.593  10.379 0.25 57.64 ? 229 HOH B O   1 
HETATM 609 O O   . HOH E 3 .  ? 3.705   11.522  9.206  0.25 21.20 ? 230 HOH B O   1 
HETATM 610 O O   . HOH E 3 .  ? 4.917   18.464  8.701  0.25 33.15 ? 231 HOH B O   1 
# 
